data_2GSA
#
_entry.id   2GSA
#
_cell.length_a   68.620
_cell.length_b   108.600
_cell.length_c   122.430
_cell.angle_alpha   90.00
_cell.angle_beta   90.00
_cell.angle_gamma   90.00
#
_symmetry.space_group_name_H-M   'P 21 21 21'
#
loop_
_entity.id
_entity.type
_entity.pdbx_description
1 polymer 'GLUTAMATE SEMIALDEHYDE AMINOTRANSFERASE'
2 non-polymer "4'-DEOXY-4'-AMINOPYRIDOXAL-5'-PHOSPHATE"
3 non-polymer "PYRIDOXAL-5'-PHOSPHATE"
4 water water
#
_entity_poly.entity_id   1
_entity_poly.type   'polypeptide(L)'
_entity_poly.pdbx_seq_one_letter_code
;VTSSPFKTIKSDEIFAAAQKLMPGGVSSPVRAFKSVGGQPIVFDRVKDAYAWDVDGNRYIDYVGTWGPAICGHAHPEVIE
ALKVAMEKGTSFGAPCALENVLAEMVNDAVPSIEMVRFVNSGTEACMAVLRLMRAYTGRDKIIKFEGCYHGHADMFLVKA
GSGVATLGLPSSPGVPKKTTANTLTTPYNDLEAVKALFAENPGEIAGVILEPIVGNSGFIVPDAGFLEGLREITLEHDAL
LVFDEVMTGFRIAYGGVQEKFGVTPDLTTLGKIIGGGLPVGAYGGKREIMQLVAPAGPMYQAGTLSGNPLAMTAGIKTLE
LLRQPGTYEYLDQITKRLSDGLLAIAQETGHAACGGQVSGMFGFFFTEGPVHNYEDAKKSDLQKFSRFHRGMLEQGIYLA
PSQFEAGFTSLAHTEEDIDATLAAARTVMSAL
;
_entity_poly.pdbx_strand_id   A,B
#
loop_
_chem_comp.id
_chem_comp.type
_chem_comp.name
_chem_comp.formula
PLP non-polymer PYRIDOXAL-5'-PHOSPHATE 'C8 H10 N O6 P'
PMP non-polymer 4'-DEOXY-4'-AMINOPYRIDOXAL-5'-PHOSPHATE 'C8 H13 N2 O5 P'
#
# COMPACT_ATOMS: atom_id res chain seq x y z
N PHE A 6 36.83 1.56 9.57
CA PHE A 6 35.37 1.82 9.36
C PHE A 6 34.65 0.72 10.12
N LYS A 7 33.97 1.05 11.21
CA LYS A 7 33.28 0.02 11.97
C LYS A 7 31.79 -0.03 11.70
N THR A 8 31.33 -1.26 11.56
CA THR A 8 29.95 -1.52 11.26
C THR A 8 29.50 -2.70 12.12
N ILE A 9 30.03 -2.74 13.34
CA ILE A 9 29.75 -3.82 14.28
C ILE A 9 28.29 -3.93 14.73
N LYS A 10 27.65 -2.78 14.98
CA LYS A 10 26.27 -2.79 15.39
C LYS A 10 25.38 -3.20 14.22
N SER A 11 25.62 -2.62 13.06
CA SER A 11 24.84 -2.97 11.88
C SER A 11 24.90 -4.47 11.63
N ASP A 12 26.08 -5.04 11.72
CA ASP A 12 26.27 -6.46 11.52
C ASP A 12 25.50 -7.30 12.52
N GLU A 13 25.36 -6.79 13.74
CA GLU A 13 24.63 -7.52 14.76
C GLU A 13 23.13 -7.52 14.50
N ILE A 14 22.60 -6.37 14.11
CA ILE A 14 21.19 -6.20 13.84
C ILE A 14 20.77 -6.90 12.55
N PHE A 15 21.63 -6.85 11.55
CA PHE A 15 21.31 -7.47 10.29
C PHE A 15 21.25 -8.97 10.45
N ALA A 16 22.23 -9.51 11.16
CA ALA A 16 22.30 -10.94 11.39
C ALA A 16 21.01 -11.39 12.06
N ALA A 17 20.54 -10.62 13.04
CA ALA A 17 19.33 -10.97 13.75
C ALA A 17 18.13 -10.92 12.82
N ALA A 18 18.05 -9.85 12.04
CA ALA A 18 16.96 -9.62 11.09
C ALA A 18 16.74 -10.81 10.16
N GLN A 19 17.82 -11.47 9.79
CA GLN A 19 17.73 -12.60 8.86
C GLN A 19 16.96 -13.83 9.33
N LYS A 20 16.76 -13.95 10.62
CA LYS A 20 16.04 -15.10 11.16
C LYS A 20 14.59 -14.75 11.32
N LEU A 21 14.32 -13.44 11.25
CA LEU A 21 12.98 -12.86 11.43
C LEU A 21 12.26 -12.48 10.15
N MET A 22 12.99 -11.97 9.17
CA MET A 22 12.39 -11.52 7.92
C MET A 22 13.19 -12.12 6.77
N PRO A 23 12.55 -12.31 5.59
CA PRO A 23 13.23 -12.88 4.42
C PRO A 23 14.36 -11.98 3.93
N GLY A 24 15.59 -12.46 4.06
CA GLY A 24 16.73 -11.68 3.64
C GLY A 24 17.05 -10.57 4.63
N GLY A 25 16.41 -10.58 5.79
CA GLY A 25 16.66 -9.56 6.79
C GLY A 25 16.23 -8.15 6.43
N VAL A 26 15.39 -7.99 5.41
CA VAL A 26 14.98 -6.67 4.99
C VAL A 26 13.48 -6.63 4.68
N SER A 27 12.94 -5.41 4.57
CA SER A 27 11.53 -5.21 4.24
C SER A 27 11.30 -4.92 2.75
N SER A 28 12.39 -4.79 2.01
CA SER A 28 12.35 -4.52 0.57
C SER A 28 13.70 -4.98 0.01
N PRO A 29 13.68 -5.87 -1.01
CA PRO A 29 14.82 -6.46 -1.74
C PRO A 29 15.97 -5.52 -2.12
N VAL A 30 15.65 -4.27 -2.42
CA VAL A 30 16.66 -3.30 -2.82
C VAL A 30 17.60 -2.90 -1.66
N ARG A 31 17.17 -3.12 -0.41
CA ARG A 31 17.99 -2.76 0.74
C ARG A 31 19.07 -3.79 0.97
N ALA A 32 19.04 -4.85 0.18
CA ALA A 32 20.01 -5.93 0.29
C ALA A 32 21.30 -5.54 -0.40
N PHE A 33 22.42 -5.78 0.27
CA PHE A 33 23.71 -5.47 -0.28
C PHE A 33 24.27 -6.69 -0.98
N LYS A 34 23.38 -7.57 -1.42
CA LYS A 34 23.76 -8.81 -2.09
C LYS A 34 24.60 -8.66 -3.36
N SER A 35 24.57 -7.50 -4.00
CA SER A 35 25.29 -7.28 -5.25
C SER A 35 26.43 -6.28 -5.16
N VAL A 36 26.45 -5.55 -4.07
CA VAL A 36 27.45 -4.53 -3.89
C VAL A 36 28.55 -4.99 -2.96
N GLY A 37 28.42 -6.22 -2.46
CA GLY A 37 29.40 -6.78 -1.55
C GLY A 37 29.31 -6.26 -0.13
N GLY A 38 29.21 -7.19 0.82
CA GLY A 38 29.11 -6.78 2.21
C GLY A 38 27.69 -6.89 2.69
N GLN A 39 27.42 -6.29 3.83
CA GLN A 39 26.10 -6.31 4.42
C GLN A 39 25.54 -4.90 4.47
N PRO A 40 24.23 -4.76 4.73
CA PRO A 40 23.65 -3.43 4.79
C PRO A 40 23.98 -2.69 6.06
N ILE A 41 23.93 -1.37 5.97
CA ILE A 41 24.18 -0.45 7.08
C ILE A 41 22.79 -0.16 7.70
N VAL A 42 22.66 -0.37 9.01
CA VAL A 42 21.41 -0.10 9.71
C VAL A 42 21.38 1.36 10.14
N PHE A 43 20.40 2.11 9.65
CA PHE A 43 20.27 3.52 9.98
C PHE A 43 19.82 3.76 11.39
N ASP A 44 20.06 4.97 11.88
CA ASP A 44 19.63 5.35 13.22
C ASP A 44 18.74 6.58 13.11
N ARG A 45 19.16 7.53 12.32
CA ARG A 45 18.39 8.75 12.15
C ARG A 45 18.91 9.40 10.90
N VAL A 46 18.14 10.35 10.38
CA VAL A 46 18.47 11.09 9.17
C VAL A 46 18.05 12.53 9.33
N LYS A 47 18.74 13.45 8.67
CA LYS A 47 18.39 14.86 8.79
C LYS A 47 19.02 15.61 7.63
N ASP A 48 18.25 16.50 7.02
CA ASP A 48 18.70 17.27 5.86
C ASP A 48 19.31 16.35 4.79
N ALA A 49 20.57 16.58 4.41
CA ALA A 49 21.25 15.78 3.42
C ALA A 49 22.06 14.64 4.04
N TYR A 50 21.88 14.40 5.34
CA TYR A 50 22.67 13.37 6.03
C TYR A 50 21.88 12.21 6.63
N ALA A 51 22.64 11.20 6.97
CA ALA A 51 22.08 10.02 7.59
C ALA A 51 23.16 9.47 8.49
N TRP A 52 22.80 8.94 9.66
CA TRP A 52 23.77 8.39 10.59
C TRP A 52 23.44 6.95 10.82
N ASP A 53 24.44 6.08 10.86
CA ASP A 53 24.10 4.70 11.13
C ASP A 53 24.12 4.41 12.63
N VAL A 54 23.92 3.14 12.94
CA VAL A 54 23.88 2.66 14.30
C VAL A 54 25.26 2.63 15.03
N ASP A 55 26.35 2.71 14.26
CA ASP A 55 27.72 2.76 14.81
C ASP A 55 28.26 4.21 14.86
N GLY A 56 27.41 5.20 14.58
CA GLY A 56 27.83 6.59 14.60
C GLY A 56 28.43 7.20 13.34
N ASN A 57 28.65 6.38 12.30
CA ASN A 57 29.23 6.90 11.06
C ASN A 57 28.17 7.80 10.46
N ARG A 58 28.61 8.92 9.91
CA ARG A 58 27.73 9.92 9.29
C ARG A 58 27.89 9.87 7.74
N TYR A 59 26.80 9.94 6.99
CA TYR A 59 26.89 9.86 5.52
C TYR A 59 26.11 10.97 4.86
N ILE A 60 26.58 11.36 3.68
CA ILE A 60 25.88 12.36 2.89
C ILE A 60 25.01 11.43 2.05
N ASP A 61 23.71 11.68 2.10
CA ASP A 61 22.73 10.83 1.45
C ASP A 61 22.38 11.15 0.04
N TYR A 62 22.50 10.14 -0.81
CA TYR A 62 22.17 10.26 -2.22
C TYR A 62 21.05 9.31 -2.65
N VAL A 63 20.51 8.57 -1.69
CA VAL A 63 19.40 7.66 -1.91
C VAL A 63 18.10 8.41 -1.55
N GLY A 64 18.19 9.30 -0.56
CA GLY A 64 17.05 10.10 -0.11
C GLY A 64 15.79 9.30 0.16
N THR A 65 15.96 8.16 0.83
CA THR A 65 14.92 7.19 1.14
C THR A 65 14.19 6.71 -0.11
N TRP A 66 14.96 6.69 -1.20
CA TRP A 66 14.52 6.26 -2.52
C TRP A 66 13.56 7.21 -3.19
N GLY A 67 13.71 8.50 -2.90
CA GLY A 67 12.86 9.50 -3.55
C GLY A 67 12.05 10.49 -2.77
N PRO A 68 11.33 10.08 -1.70
CA PRO A 68 10.54 11.03 -0.93
C PRO A 68 11.21 12.27 -0.35
N ALA A 69 12.48 12.15 0.05
CA ALA A 69 13.19 13.23 0.72
C ALA A 69 13.76 14.39 -0.08
N ILE A 70 13.05 14.83 -1.11
CA ILE A 70 13.51 15.92 -1.95
C ILE A 70 13.70 17.24 -1.20
N CYS A 71 12.90 17.47 -0.16
CA CYS A 71 12.99 18.69 0.65
C CYS A 71 14.03 18.52 1.73
N GLY A 72 14.56 17.31 1.82
CA GLY A 72 15.54 17.01 2.83
C GLY A 72 14.87 16.16 3.90
N HIS A 73 15.63 15.29 4.55
CA HIS A 73 15.10 14.44 5.60
C HIS A 73 14.62 15.31 6.74
N ALA A 74 13.69 14.78 7.55
CA ALA A 74 13.12 15.47 8.72
C ALA A 74 13.03 16.99 8.60
N HIS A 75 12.43 17.46 7.51
CA HIS A 75 12.27 18.89 7.28
C HIS A 75 11.40 19.41 8.38
N PRO A 76 11.91 20.34 9.18
CA PRO A 76 11.23 20.97 10.30
C PRO A 76 9.83 21.49 10.05
N GLU A 77 9.59 22.04 8.86
CA GLU A 77 8.27 22.57 8.54
C GLU A 77 7.27 21.46 8.35
N VAL A 78 7.76 20.31 7.93
CA VAL A 78 6.91 19.17 7.70
C VAL A 78 6.65 18.47 9.02
N ILE A 79 7.70 18.22 9.80
CA ILE A 79 7.48 17.55 11.09
C ILE A 79 6.71 18.38 12.11
N GLU A 80 6.72 19.70 12.02
CA GLU A 80 5.90 20.40 12.98
C GLU A 80 4.44 20.32 12.53
N ALA A 81 4.21 20.34 11.22
CA ALA A 81 2.87 20.24 10.68
C ALA A 81 2.24 18.90 11.06
N LEU A 82 3.06 17.84 11.09
CA LEU A 82 2.60 16.50 11.48
C LEU A 82 2.42 16.39 13.00
N LYS A 83 3.18 17.15 13.78
CA LYS A 83 3.03 17.10 15.24
C LYS A 83 1.67 17.66 15.61
N VAL A 84 1.33 18.79 14.99
CA VAL A 84 0.05 19.39 15.26
C VAL A 84 -1.10 18.51 14.74
N ALA A 85 -0.91 18.00 13.52
CA ALA A 85 -1.90 17.14 12.90
C ALA A 85 -2.31 15.95 13.73
N MET A 86 -1.35 15.14 14.17
CA MET A 86 -1.65 13.94 14.94
C MET A 86 -2.46 14.10 16.22
N GLU A 87 -2.49 15.32 16.74
CA GLU A 87 -3.25 15.61 17.94
C GLU A 87 -4.73 15.26 17.68
N LYS A 88 -5.17 15.48 16.44
CA LYS A 88 -6.55 15.23 16.00
C LYS A 88 -6.88 13.84 15.52
N GLY A 89 -5.93 12.91 15.62
CA GLY A 89 -6.15 11.56 15.14
C GLY A 89 -5.39 11.33 13.84
N THR A 90 -4.93 10.10 13.61
CA THR A 90 -4.16 9.78 12.41
C THR A 90 -4.94 9.17 11.27
N SER A 91 -6.10 8.63 11.59
CA SER A 91 -6.91 7.98 10.59
C SER A 91 -8.37 8.17 11.03
N PHE A 92 -9.25 8.42 10.07
CA PHE A 92 -10.67 8.64 10.35
C PHE A 92 -11.61 7.53 9.82
N GLY A 93 -11.36 7.06 8.61
CA GLY A 93 -12.24 6.06 8.05
C GLY A 93 -13.46 6.74 7.42
N ALA A 94 -13.40 8.07 7.30
CA ALA A 94 -14.47 8.90 6.73
C ALA A 94 -13.76 10.08 6.06
N PRO A 95 -14.46 10.84 5.19
CA PRO A 95 -13.85 11.98 4.52
C PRO A 95 -13.30 13.02 5.46
N CYS A 96 -12.32 13.79 4.99
CA CYS A 96 -11.73 14.88 5.76
C CYS A 96 -11.35 15.98 4.79
N ALA A 97 -11.53 17.23 5.19
CA ALA A 97 -11.21 18.39 4.36
C ALA A 97 -9.83 18.37 3.66
N LEU A 98 -8.81 17.82 4.32
CA LEU A 98 -7.46 17.76 3.76
C LEU A 98 -7.33 17.03 2.43
N GLU A 99 -8.20 16.05 2.22
CA GLU A 99 -8.17 15.28 0.98
C GLU A 99 -8.47 16.24 -0.14
N ASN A 100 -9.37 17.18 0.12
CA ASN A 100 -9.75 18.16 -0.89
C ASN A 100 -8.60 19.08 -1.21
N VAL A 101 -7.84 19.44 -0.18
CA VAL A 101 -6.73 20.36 -0.40
C VAL A 101 -5.63 19.75 -1.24
N LEU A 102 -5.20 18.56 -0.87
CA LEU A 102 -4.16 17.90 -1.64
C LEU A 102 -4.66 17.53 -3.05
N ALA A 103 -5.92 17.13 -3.18
CA ALA A 103 -6.51 16.77 -4.48
C ALA A 103 -6.44 17.96 -5.40
N GLU A 104 -6.81 19.13 -4.90
CA GLU A 104 -6.77 20.34 -5.69
C GLU A 104 -5.35 20.71 -6.11
N MET A 105 -4.40 20.62 -5.18
CA MET A 105 -3.01 20.95 -5.46
C MET A 105 -2.45 20.06 -6.55
N VAL A 106 -2.81 18.79 -6.51
CA VAL A 106 -2.34 17.83 -7.50
C VAL A 106 -2.90 18.09 -8.92
N ASN A 107 -4.18 18.47 -9.04
CA ASN A 107 -4.76 18.75 -10.37
C ASN A 107 -3.99 19.88 -11.00
N ASP A 108 -3.75 20.88 -10.18
CA ASP A 108 -3.03 22.09 -10.55
C ASP A 108 -1.59 21.73 -10.97
N ALA A 109 -0.95 20.86 -10.21
CA ALA A 109 0.43 20.47 -10.49
C ALA A 109 0.65 19.64 -11.75
N VAL A 110 -0.04 18.49 -11.83
CA VAL A 110 0.11 17.58 -12.96
C VAL A 110 -0.84 17.83 -14.11
N PRO A 111 -0.30 18.21 -15.29
CA PRO A 111 -1.06 18.50 -16.51
C PRO A 111 -2.17 17.51 -16.93
N SER A 112 -1.90 16.21 -16.86
CA SER A 112 -2.92 15.24 -17.29
C SER A 112 -3.99 14.89 -16.30
N ILE A 113 -3.75 15.20 -15.04
CA ILE A 113 -4.69 14.87 -13.98
C ILE A 113 -5.82 15.87 -13.84
N GLU A 114 -7.05 15.40 -14.05
CA GLU A 114 -8.23 16.27 -13.91
C GLU A 114 -9.07 15.79 -12.71
N MET A 115 -8.86 14.52 -12.35
CA MET A 115 -9.55 13.94 -11.24
C MET A 115 -8.52 13.00 -10.59
N VAL A 116 -8.48 12.90 -9.26
CA VAL A 116 -7.50 12.03 -8.57
C VAL A 116 -8.10 11.07 -7.55
N ARG A 117 -7.37 10.01 -7.25
CA ARG A 117 -7.78 9.06 -6.24
C ARG A 117 -6.53 8.66 -5.48
N PHE A 118 -6.52 9.00 -4.19
CA PHE A 118 -5.38 8.67 -3.32
C PHE A 118 -5.41 7.23 -2.96
N VAL A 119 -4.22 6.69 -2.86
CA VAL A 119 -4.02 5.29 -2.58
C VAL A 119 -2.86 5.23 -1.52
N ASN A 120 -2.36 4.06 -1.17
CA ASN A 120 -1.30 4.00 -0.15
C ASN A 120 0.13 3.80 -0.61
N SER A 121 0.35 3.48 -1.89
CA SER A 121 1.70 3.30 -2.38
C SER A 121 1.73 3.36 -3.87
N GLY A 122 2.92 3.40 -4.45
CA GLY A 122 3.05 3.43 -5.90
C GLY A 122 2.55 2.12 -6.50
N THR A 123 2.82 1.02 -5.80
CA THR A 123 2.39 -0.30 -6.23
C THR A 123 0.88 -0.38 -6.32
N GLU A 124 0.20 0.31 -5.41
CA GLU A 124 -1.25 0.33 -5.42
C GLU A 124 -1.77 1.21 -6.55
N ALA A 125 -1.11 2.34 -6.79
CA ALA A 125 -1.49 3.27 -7.86
C ALA A 125 -1.39 2.56 -9.20
N CYS A 126 -0.25 1.91 -9.45
CA CYS A 126 -0.01 1.20 -10.68
C CYS A 126 -0.92 0.02 -10.92
N MET A 127 -1.33 -0.66 -9.86
CA MET A 127 -2.23 -1.78 -10.05
C MET A 127 -3.61 -1.26 -10.48
N ALA A 128 -4.07 -0.20 -9.82
CA ALA A 128 -5.36 0.41 -10.07
C ALA A 128 -5.47 0.87 -11.50
N VAL A 129 -4.42 1.55 -11.95
CA VAL A 129 -4.36 2.08 -13.30
C VAL A 129 -4.25 0.94 -14.33
N LEU A 130 -3.72 -0.21 -13.91
CA LEU A 130 -3.60 -1.36 -14.79
C LEU A 130 -5.02 -1.72 -15.12
N ARG A 131 -5.84 -1.76 -14.07
CA ARG A 131 -7.25 -2.10 -14.17
C ARG A 131 -8.09 -1.08 -14.93
N LEU A 132 -7.94 0.21 -14.65
CA LEU A 132 -8.68 1.23 -15.37
C LEU A 132 -8.30 1.29 -16.82
N MET A 133 -7.03 1.06 -17.16
CA MET A 133 -6.64 1.11 -18.55
C MET A 133 -7.44 0.03 -19.31
N ARG A 134 -7.63 -1.11 -18.66
CA ARG A 134 -8.41 -2.19 -19.22
C ARG A 134 -9.92 -2.01 -19.20
N ALA A 135 -10.44 -1.45 -18.11
CA ALA A 135 -11.85 -1.22 -17.97
C ALA A 135 -12.36 -0.15 -18.94
N TYR A 136 -11.54 0.86 -19.16
CA TYR A 136 -11.93 1.95 -20.06
C TYR A 136 -11.79 1.68 -21.55
N THR A 137 -10.82 0.88 -21.97
CA THR A 137 -10.64 0.59 -23.39
C THR A 137 -11.31 -0.70 -23.83
N GLY A 138 -11.45 -1.63 -22.89
CA GLY A 138 -12.07 -2.91 -23.20
C GLY A 138 -11.07 -3.89 -23.81
N ARG A 139 -9.78 -3.59 -23.70
CA ARG A 139 -8.74 -4.44 -24.25
C ARG A 139 -7.92 -5.02 -23.10
N ASP A 140 -7.37 -6.21 -23.30
CA ASP A 140 -6.64 -6.89 -22.24
C ASP A 140 -5.13 -6.76 -22.20
N LYS A 141 -4.54 -6.55 -23.36
CA LYS A 141 -3.10 -6.50 -23.44
C LYS A 141 -2.52 -5.16 -23.05
N ILE A 142 -1.30 -5.23 -22.54
CA ILE A 142 -0.56 -4.06 -22.07
C ILE A 142 0.89 -4.09 -22.57
N ILE A 143 1.44 -2.94 -22.95
CA ILE A 143 2.85 -2.88 -23.36
C ILE A 143 3.66 -2.17 -22.27
N LYS A 144 4.68 -2.85 -21.77
CA LYS A 144 5.57 -2.25 -20.79
C LYS A 144 6.97 -2.51 -21.32
N PHE A 145 7.89 -1.61 -21.01
CA PHE A 145 9.27 -1.77 -21.46
C PHE A 145 10.14 -2.59 -20.53
N GLU A 146 11.13 -3.23 -21.15
CA GLU A 146 12.10 -4.07 -20.49
C GLU A 146 12.98 -3.22 -19.60
N GLY A 147 13.11 -3.64 -18.34
CA GLY A 147 13.92 -2.91 -17.37
C GLY A 147 13.17 -1.90 -16.51
N CYS A 148 11.96 -1.51 -16.92
CA CYS A 148 11.14 -0.55 -16.16
C CYS A 148 10.49 -1.24 -14.97
N TYR A 149 10.05 -0.47 -13.97
CA TYR A 149 9.41 -1.06 -12.79
C TYR A 149 8.17 -0.29 -12.43
N HIS A 150 7.06 -0.98 -12.11
CA HIS A 150 5.80 -0.34 -11.74
C HIS A 150 5.10 -1.06 -10.59
N GLY A 151 5.86 -1.40 -9.56
CA GLY A 151 5.28 -2.08 -8.42
C GLY A 151 5.36 -3.58 -8.67
N HIS A 152 4.87 -4.36 -7.73
CA HIS A 152 4.93 -5.80 -7.86
C HIS A 152 3.61 -6.49 -8.19
N ALA A 153 2.66 -5.79 -8.81
CA ALA A 153 1.40 -6.42 -9.20
C ALA A 153 1.85 -7.51 -10.17
N ASP A 154 1.20 -8.68 -10.14
CA ASP A 154 1.52 -9.82 -11.01
C ASP A 154 1.91 -9.52 -12.46
N MET A 155 1.04 -8.82 -13.18
CA MET A 155 1.27 -8.48 -14.59
C MET A 155 2.49 -7.65 -14.91
N PHE A 156 3.01 -6.94 -13.91
CA PHE A 156 4.19 -6.10 -14.11
C PHE A 156 5.49 -6.83 -13.83
N LEU A 157 5.39 -8.04 -13.30
CA LEU A 157 6.58 -8.84 -13.00
C LEU A 157 7.11 -9.55 -14.24
N VAL A 158 7.41 -8.77 -15.26
CA VAL A 158 7.94 -9.29 -16.52
C VAL A 158 9.03 -8.34 -16.99
N LYS A 159 10.26 -8.83 -17.10
CA LYS A 159 11.37 -7.98 -17.52
C LYS A 159 11.39 -6.72 -16.67
N ALA A 160 11.22 -6.89 -15.36
CA ALA A 160 11.21 -5.76 -14.42
C ALA A 160 12.61 -5.27 -14.10
N GLY A 161 12.73 -3.98 -13.81
CA GLY A 161 14.03 -3.44 -13.45
C GLY A 161 14.15 -3.51 -11.93
N SER A 162 14.64 -2.42 -11.33
CA SER A 162 14.78 -2.32 -9.89
C SER A 162 15.51 -3.54 -9.29
N GLY A 163 15.08 -4.00 -8.11
CA GLY A 163 15.71 -5.13 -7.47
C GLY A 163 15.71 -6.45 -8.25
N VAL A 164 14.82 -6.60 -9.21
CA VAL A 164 14.81 -7.84 -9.99
C VAL A 164 16.11 -7.80 -10.81
N ALA A 165 16.41 -6.64 -11.38
CA ALA A 165 17.63 -6.46 -12.16
C ALA A 165 18.85 -6.64 -11.27
N THR A 166 18.95 -5.78 -10.25
CA THR A 166 20.04 -5.76 -9.28
C THR A 166 20.38 -7.16 -8.80
N LEU A 167 19.36 -7.91 -8.40
CA LEU A 167 19.55 -9.24 -7.87
C LEU A 167 19.61 -10.33 -8.94
N GLY A 168 19.49 -9.93 -10.21
CA GLY A 168 19.53 -10.89 -11.30
C GLY A 168 18.45 -11.97 -11.22
N LEU A 169 17.24 -11.54 -10.89
CA LEU A 169 16.11 -12.45 -10.77
C LEU A 169 15.35 -12.63 -12.07
N PRO A 170 14.81 -13.85 -12.29
CA PRO A 170 14.06 -14.07 -13.52
C PRO A 170 12.67 -13.44 -13.30
N SER A 171 11.84 -13.45 -14.33
CA SER A 171 10.53 -12.89 -14.16
C SER A 171 9.73 -13.72 -13.14
N SER A 172 8.96 -13.02 -12.29
CA SER A 172 8.00 -13.63 -11.38
C SER A 172 8.25 -14.25 -9.99
N PRO A 173 7.90 -15.56 -9.88
CA PRO A 173 7.52 -16.97 -9.74
C PRO A 173 6.15 -16.85 -9.04
N GLY A 174 5.21 -17.74 -9.35
CA GLY A 174 3.91 -17.65 -8.70
C GLY A 174 2.80 -16.86 -9.40
N VAL A 175 3.11 -16.26 -10.55
CA VAL A 175 2.09 -15.53 -11.31
C VAL A 175 1.80 -16.37 -12.56
N PRO A 176 0.54 -16.83 -12.72
CA PRO A 176 0.08 -17.66 -13.84
C PRO A 176 0.37 -17.13 -15.23
N LYS A 177 0.83 -18.03 -16.09
CA LYS A 177 1.15 -17.76 -17.49
C LYS A 177 -0.03 -17.05 -18.12
N LYS A 178 -1.20 -17.48 -17.68
CA LYS A 178 -2.49 -16.96 -18.11
C LYS A 178 -2.58 -15.44 -18.02
N THR A 179 -2.10 -14.90 -16.90
CA THR A 179 -2.14 -13.46 -16.64
C THR A 179 -0.95 -12.75 -17.24
N THR A 180 0.20 -13.37 -17.11
CA THR A 180 1.44 -12.79 -17.60
C THR A 180 1.46 -12.71 -19.11
N ALA A 181 0.62 -13.53 -19.75
CA ALA A 181 0.55 -13.54 -21.21
C ALA A 181 -0.04 -12.26 -21.80
N ASN A 182 -0.68 -11.43 -20.97
CA ASN A 182 -1.27 -10.19 -21.47
C ASN A 182 -0.29 -9.04 -21.40
N THR A 183 0.95 -9.34 -21.03
CA THR A 183 2.00 -8.31 -20.93
C THR A 183 2.92 -8.39 -22.13
N LEU A 184 2.89 -7.36 -22.95
CA LEU A 184 3.74 -7.26 -24.12
C LEU A 184 4.91 -6.35 -23.74
N THR A 185 6.13 -6.78 -24.01
CA THR A 185 7.32 -6.00 -23.66
C THR A 185 8.08 -5.53 -24.88
N THR A 186 8.83 -4.45 -24.73
CA THR A 186 9.63 -3.92 -25.82
C THR A 186 10.84 -3.22 -25.19
N PRO A 187 11.96 -3.11 -25.94
CA PRO A 187 13.14 -2.45 -25.38
C PRO A 187 12.84 -0.98 -25.21
N TYR A 188 13.33 -0.37 -24.14
CA TYR A 188 13.08 1.05 -23.92
C TYR A 188 13.66 1.81 -25.10
N ASN A 189 13.05 2.92 -25.47
CA ASN A 189 13.52 3.76 -26.58
C ASN A 189 13.35 3.20 -27.99
N ASP A 190 12.82 1.99 -28.10
CA ASP A 190 12.61 1.35 -29.40
C ASP A 190 11.19 1.57 -29.93
N LEU A 191 10.98 2.68 -30.63
CA LEU A 191 9.67 2.98 -31.19
C LEU A 191 9.18 1.93 -32.22
N GLU A 192 10.08 1.42 -33.05
CA GLU A 192 9.69 0.44 -34.06
C GLU A 192 9.10 -0.79 -33.44
N ALA A 193 9.74 -1.28 -32.37
CA ALA A 193 9.27 -2.46 -31.66
C ALA A 193 7.82 -2.27 -31.16
N VAL A 194 7.51 -1.03 -30.78
CA VAL A 194 6.18 -0.66 -30.29
C VAL A 194 5.14 -0.75 -31.40
N LYS A 195 5.41 -0.09 -32.53
CA LYS A 195 4.53 -0.12 -33.70
C LYS A 195 4.29 -1.57 -34.16
N ALA A 196 5.31 -2.40 -34.04
CA ALA A 196 5.19 -3.81 -34.42
C ALA A 196 4.18 -4.56 -33.57
N LEU A 197 4.19 -4.30 -32.26
CA LEU A 197 3.26 -4.97 -31.33
C LEU A 197 1.84 -4.56 -31.63
N PHE A 198 1.66 -3.28 -31.94
CA PHE A 198 0.35 -2.76 -32.24
C PHE A 198 -0.26 -3.41 -33.48
N ALA A 199 0.45 -3.32 -34.60
CA ALA A 199 -0.02 -3.87 -35.88
C ALA A 199 0.12 -5.39 -35.97
N GLU A 200 0.17 -6.05 -34.83
CA GLU A 200 0.32 -7.49 -34.77
C GLU A 200 -0.77 -7.98 -33.81
N ASN A 201 -1.25 -7.06 -32.98
CA ASN A 201 -2.31 -7.35 -32.04
C ASN A 201 -3.30 -6.22 -32.16
N PRO A 202 -3.89 -6.05 -33.36
CA PRO A 202 -4.88 -4.99 -33.64
C PRO A 202 -6.10 -5.11 -32.75
N GLY A 203 -6.52 -3.99 -32.17
CA GLY A 203 -7.68 -3.95 -31.30
C GLY A 203 -7.54 -4.74 -30.00
N GLU A 204 -6.30 -5.01 -29.58
CA GLU A 204 -6.05 -5.77 -28.35
C GLU A 204 -5.27 -5.03 -27.28
N ILE A 205 -4.48 -4.05 -27.69
CA ILE A 205 -3.65 -3.30 -26.75
C ILE A 205 -4.45 -2.21 -26.05
N ALA A 206 -4.56 -2.32 -24.72
CA ALA A 206 -5.27 -1.32 -23.92
C ALA A 206 -4.42 -0.02 -23.86
N GLY A 207 -3.13 -0.18 -23.64
CA GLY A 207 -2.25 0.97 -23.60
C GLY A 207 -0.78 0.66 -23.36
N VAL A 208 -0.02 1.73 -23.20
CA VAL A 208 1.41 1.66 -22.97
C VAL A 208 1.72 2.35 -21.64
N ILE A 209 2.50 1.70 -20.78
CA ILE A 209 2.89 2.28 -19.50
C ILE A 209 4.41 2.30 -19.48
N LEU A 210 4.99 3.43 -19.07
CA LEU A 210 6.44 3.54 -19.02
C LEU A 210 6.86 4.60 -18.04
N GLU A 211 8.11 4.52 -17.61
CA GLU A 211 8.67 5.54 -16.75
C GLU A 211 9.15 6.53 -17.80
N PRO A 212 8.57 7.74 -17.82
CA PRO A 212 8.96 8.76 -18.80
C PRO A 212 10.48 9.05 -18.84
N ILE A 213 11.13 8.90 -17.69
CA ILE A 213 12.59 9.00 -17.57
C ILE A 213 12.83 7.81 -16.67
N VAL A 214 13.58 6.85 -17.18
CA VAL A 214 13.87 5.63 -16.45
C VAL A 214 14.76 5.91 -15.26
N GLY A 215 14.48 5.21 -14.18
CA GLY A 215 15.26 5.36 -12.98
C GLY A 215 15.50 3.99 -12.41
N ASN A 216 14.83 2.98 -12.93
CA ASN A 216 14.96 1.64 -12.37
C ASN A 216 15.84 0.61 -13.07
N SER A 217 16.54 1.02 -14.11
CA SER A 217 17.49 0.13 -14.79
C SER A 217 18.72 1.01 -14.95
N GLY A 218 18.79 2.01 -14.08
CA GLY A 218 19.84 3.00 -14.13
C GLY A 218 19.09 4.24 -14.54
N PHE A 219 19.81 5.30 -14.86
CA PHE A 219 19.19 6.53 -15.26
C PHE A 219 19.24 6.61 -16.79
N ILE A 220 18.08 6.49 -17.42
CA ILE A 220 17.97 6.54 -18.88
C ILE A 220 16.94 7.55 -19.35
N VAL A 221 17.38 8.55 -20.10
CA VAL A 221 16.48 9.57 -20.62
C VAL A 221 15.94 9.08 -21.97
N PRO A 222 14.68 9.44 -22.32
CA PRO A 222 14.13 9.00 -23.60
C PRO A 222 14.79 9.73 -24.76
N ASP A 223 14.95 9.02 -25.88
CA ASP A 223 15.52 9.57 -27.09
C ASP A 223 14.59 10.67 -27.61
N ALA A 224 15.13 11.52 -28.47
CA ALA A 224 14.35 12.59 -29.07
C ALA A 224 13.23 11.92 -29.86
N GLY A 225 12.02 12.48 -29.78
CA GLY A 225 10.88 11.93 -30.50
C GLY A 225 10.22 10.65 -29.98
N PHE A 226 10.80 9.98 -28.98
CA PHE A 226 10.25 8.74 -28.43
C PHE A 226 8.93 8.96 -27.68
N LEU A 227 8.87 9.97 -26.81
CA LEU A 227 7.65 10.25 -26.06
C LEU A 227 6.57 10.83 -26.98
N GLU A 228 6.95 11.74 -27.86
CA GLU A 228 5.99 12.32 -28.80
C GLU A 228 5.48 11.19 -29.70
N GLY A 229 6.39 10.30 -30.11
CA GLY A 229 6.02 9.18 -30.94
C GLY A 229 5.04 8.24 -30.28
N LEU A 230 5.28 7.90 -29.01
CA LEU A 230 4.40 7.03 -28.23
C LEU A 230 3.05 7.70 -28.06
N ARG A 231 3.06 9.02 -27.96
CA ARG A 231 1.82 9.74 -27.84
C ARG A 231 1.04 9.50 -29.16
N GLU A 232 1.76 9.56 -30.29
CA GLU A 232 1.20 9.35 -31.63
C GLU A 232 0.60 7.98 -31.90
N ILE A 233 1.39 6.92 -31.75
CA ILE A 233 0.86 5.59 -32.01
C ILE A 233 -0.29 5.14 -31.12
N THR A 234 -0.38 5.68 -29.89
CA THR A 234 -1.48 5.31 -29.01
C THR A 234 -2.77 6.04 -29.40
N LEU A 235 -2.67 7.32 -29.75
CA LEU A 235 -3.86 8.05 -30.17
C LEU A 235 -4.45 7.37 -31.41
N GLU A 236 -3.57 6.94 -32.29
CA GLU A 236 -3.96 6.30 -33.53
C GLU A 236 -4.73 5.01 -33.36
N HIS A 237 -4.35 4.18 -32.40
CA HIS A 237 -5.06 2.92 -32.19
C HIS A 237 -6.01 2.95 -31.01
N ASP A 238 -6.39 4.15 -30.60
CA ASP A 238 -7.27 4.35 -29.47
C ASP A 238 -6.80 3.59 -28.22
N ALA A 239 -5.49 3.64 -28.00
CA ALA A 239 -4.84 3.03 -26.86
C ALA A 239 -4.53 4.17 -25.85
N LEU A 240 -4.21 3.81 -24.62
CA LEU A 240 -3.91 4.82 -23.60
C LEU A 240 -2.41 4.95 -23.36
N LEU A 241 -1.96 6.18 -23.12
CA LEU A 241 -0.56 6.49 -22.83
C LEU A 241 -0.56 6.77 -21.33
N VAL A 242 0.03 5.87 -20.56
CA VAL A 242 0.07 6.01 -19.10
C VAL A 242 1.51 6.29 -18.65
N PHE A 243 1.71 7.35 -17.88
CA PHE A 243 3.04 7.67 -17.37
C PHE A 243 3.18 7.27 -15.90
N ASP A 244 4.15 6.42 -15.57
CA ASP A 244 4.39 6.08 -14.19
C ASP A 244 5.39 7.12 -13.68
N GLU A 245 4.88 8.14 -12.99
CA GLU A 245 5.71 9.20 -12.44
C GLU A 245 5.87 9.08 -10.90
N VAL A 246 5.90 7.85 -10.41
CA VAL A 246 6.06 7.59 -8.99
C VAL A 246 7.42 8.13 -8.55
N MET A 247 8.43 7.95 -9.39
CA MET A 247 9.79 8.43 -9.12
C MET A 247 10.12 9.83 -9.68
N THR A 248 9.61 10.14 -10.86
CA THR A 248 9.88 11.42 -11.51
C THR A 248 8.94 12.53 -11.11
N GLY A 249 7.79 12.16 -10.57
CA GLY A 249 6.81 13.15 -10.18
C GLY A 249 7.31 14.07 -9.09
N PHE A 250 7.13 15.37 -9.30
CA PHE A 250 7.55 16.41 -8.38
C PHE A 250 9.07 16.56 -8.24
N ARG A 251 9.82 15.72 -8.96
CA ARG A 251 11.28 15.77 -8.96
C ARG A 251 11.86 16.39 -10.23
N ILE A 252 11.54 15.84 -11.40
CA ILE A 252 12.03 16.39 -12.67
C ILE A 252 11.52 17.82 -12.82
N ALA A 253 10.32 18.05 -12.29
CA ALA A 253 9.66 19.37 -12.34
C ALA A 253 8.41 19.25 -11.48
N TYR A 254 7.77 20.38 -11.17
CA TYR A 254 6.57 20.34 -10.32
C TYR A 254 5.53 19.42 -10.96
N GLY A 255 5.38 19.56 -12.28
CA GLY A 255 4.44 18.74 -13.01
C GLY A 255 5.05 17.45 -13.54
N GLY A 256 6.28 17.16 -13.15
CA GLY A 256 6.94 15.95 -13.60
C GLY A 256 7.48 16.00 -15.02
N VAL A 257 7.81 14.84 -15.57
CA VAL A 257 8.36 14.75 -16.91
C VAL A 257 7.37 15.25 -17.96
N GLN A 258 6.11 14.85 -17.84
CA GLN A 258 5.10 15.26 -18.80
C GLN A 258 5.01 16.76 -18.98
N GLU A 259 5.28 17.52 -17.91
CA GLU A 259 5.25 18.98 -17.96
C GLU A 259 6.57 19.51 -18.54
N LYS A 260 7.67 18.91 -18.08
CA LYS A 260 9.01 19.29 -18.52
C LYS A 260 9.19 19.09 -20.04
N PHE A 261 9.02 17.85 -20.47
CA PHE A 261 9.18 17.50 -21.87
C PHE A 261 7.99 17.87 -22.73
N GLY A 262 6.91 18.32 -22.11
CA GLY A 262 5.72 18.72 -22.83
C GLY A 262 4.87 17.66 -23.52
N VAL A 263 4.77 16.45 -22.96
CA VAL A 263 3.94 15.40 -23.56
C VAL A 263 2.91 14.95 -22.51
N THR A 264 1.62 15.10 -22.84
CA THR A 264 0.54 14.75 -21.92
C THR A 264 -0.12 13.38 -22.10
N PRO A 265 0.09 12.45 -21.13
CA PRO A 265 -0.50 11.11 -21.18
C PRO A 265 -1.97 11.16 -20.76
N ASP A 266 -2.61 10.02 -20.71
CA ASP A 266 -4.03 9.94 -20.34
C ASP A 266 -4.21 9.72 -18.87
N LEU A 267 -3.21 9.08 -18.29
CA LEU A 267 -3.25 8.73 -16.90
C LEU A 267 -1.81 8.72 -16.43
N THR A 268 -1.60 9.12 -15.18
CA THR A 268 -0.27 9.10 -14.57
C THR A 268 -0.39 8.63 -13.11
N THR A 269 0.59 7.84 -12.66
CA THR A 269 0.62 7.34 -11.29
C THR A 269 1.65 8.15 -10.52
N LEU A 270 1.33 8.44 -9.26
CA LEU A 270 2.20 9.22 -8.37
C LEU A 270 2.50 8.45 -7.09
N GLY A 271 3.62 8.80 -6.47
CA GLY A 271 4.05 8.16 -5.24
C GLY A 271 5.26 8.91 -4.69
N LYS A 272 5.99 8.27 -3.80
CA LYS A 272 7.18 8.84 -3.16
C LYS A 272 7.05 10.29 -2.65
N ILE A 273 7.51 11.26 -3.42
CA ILE A 273 7.45 12.66 -2.98
C ILE A 273 6.08 13.08 -2.50
N ILE A 274 5.03 12.58 -3.14
CA ILE A 274 3.68 12.98 -2.76
C ILE A 274 3.31 12.65 -1.31
N GLY A 275 3.97 11.65 -0.73
CA GLY A 275 3.68 11.30 0.65
C GLY A 275 4.48 12.11 1.67
N GLY A 276 5.57 12.70 1.21
CA GLY A 276 6.41 13.53 2.06
C GLY A 276 7.23 12.79 3.11
N GLY A 277 7.22 11.46 3.05
CA GLY A 277 7.96 10.68 4.02
C GLY A 277 7.03 9.64 4.58
N LEU A 278 5.74 9.78 4.32
CA LEU A 278 4.70 8.81 4.76
C LEU A 278 4.16 7.95 3.57
N PRO A 279 3.39 6.87 3.84
CA PRO A 279 2.85 6.03 2.74
C PRO A 279 1.67 6.68 2.03
N VAL A 280 1.91 7.20 0.82
CA VAL A 280 0.91 7.84 0.01
C VAL A 280 1.19 7.55 -1.46
N GLY A 281 0.16 7.18 -2.21
CA GLY A 281 0.29 6.94 -3.63
C GLY A 281 -0.92 7.62 -4.26
N ALA A 282 -0.96 7.72 -5.58
CA ALA A 282 -2.11 8.35 -6.27
C ALA A 282 -2.12 8.11 -7.76
N TYR A 283 -3.30 8.04 -8.34
CA TYR A 283 -3.42 7.88 -9.78
C TYR A 283 -4.54 8.82 -10.20
N GLY A 284 -4.39 9.42 -11.36
CA GLY A 284 -5.38 10.36 -11.87
C GLY A 284 -5.16 10.57 -13.35
N GLY A 285 -6.07 11.29 -13.99
CA GLY A 285 -5.95 11.52 -15.41
C GLY A 285 -7.20 12.20 -15.90
N LYS A 286 -7.55 11.97 -17.16
CA LYS A 286 -8.73 12.59 -17.77
C LYS A 286 -9.97 12.21 -16.96
N ARG A 287 -10.88 13.15 -16.83
CA ARG A 287 -12.11 12.94 -16.04
C ARG A 287 -12.96 11.78 -16.53
N GLU A 288 -13.12 11.67 -17.84
CA GLU A 288 -13.95 10.61 -18.42
C GLU A 288 -13.43 9.22 -18.24
N ILE A 289 -12.17 9.09 -17.86
CA ILE A 289 -11.60 7.78 -17.61
C ILE A 289 -11.74 7.50 -16.13
N MET A 290 -11.43 8.51 -15.31
CA MET A 290 -11.49 8.45 -13.85
C MET A 290 -12.91 8.21 -13.36
N GLN A 291 -13.87 8.57 -14.19
CA GLN A 291 -15.28 8.37 -13.88
C GLN A 291 -15.64 6.90 -13.69
N LEU A 292 -14.80 5.98 -14.15
CA LEU A 292 -15.07 4.54 -14.01
C LEU A 292 -14.73 3.97 -12.63
N VAL A 293 -14.16 4.78 -11.75
CA VAL A 293 -13.77 4.28 -10.45
C VAL A 293 -14.88 4.38 -9.43
N ALA A 294 -15.02 3.32 -8.62
CA ALA A 294 -16.02 3.28 -7.58
C ALA A 294 -15.71 4.46 -6.66
N PRO A 295 -16.74 5.11 -6.09
CA PRO A 295 -18.15 4.76 -6.25
C PRO A 295 -18.87 5.46 -7.43
N ALA A 296 -18.11 6.14 -8.29
CA ALA A 296 -18.66 6.85 -9.47
C ALA A 296 -19.01 5.87 -10.60
N GLY A 297 -18.11 4.92 -10.85
CA GLY A 297 -18.31 3.96 -11.90
C GLY A 297 -18.23 2.54 -11.36
N PRO A 298 -18.15 1.56 -12.25
CA PRO A 298 -18.08 0.13 -11.96
C PRO A 298 -16.78 -0.44 -11.37
N MET A 299 -15.63 0.17 -11.65
CA MET A 299 -14.38 -0.38 -11.13
C MET A 299 -14.15 -0.15 -9.63
N TYR A 300 -14.23 -1.22 -8.87
CA TYR A 300 -14.06 -1.14 -7.44
C TYR A 300 -12.61 -1.15 -6.99
N GLN A 301 -12.21 -0.10 -6.29
CA GLN A 301 -10.88 0.01 -5.74
C GLN A 301 -11.06 0.71 -4.39
N ALA A 302 -10.63 0.03 -3.33
CA ALA A 302 -10.76 0.54 -1.96
C ALA A 302 -9.44 0.55 -1.22
N GLY A 303 -9.45 1.18 -0.05
CA GLY A 303 -8.28 1.25 0.80
C GLY A 303 -8.65 1.90 2.11
N THR A 304 -8.45 1.17 3.20
CA THR A 304 -8.78 1.63 4.56
C THR A 304 -8.11 2.95 5.00
N LEU A 305 -6.80 3.03 4.81
CA LEU A 305 -6.02 4.20 5.22
C LEU A 305 -5.84 5.29 4.19
N SER A 306 -6.40 5.09 3.02
CA SER A 306 -6.27 6.05 1.93
C SER A 306 -6.86 7.37 2.28
N GLY A 307 -6.13 8.42 1.99
CA GLY A 307 -6.61 9.75 2.27
C GLY A 307 -6.61 10.10 3.74
N ASN A 308 -5.89 9.34 4.57
CA ASN A 308 -5.83 9.63 6.00
C ASN A 308 -5.17 10.99 6.19
N PRO A 309 -5.56 11.72 7.26
CA PRO A 309 -5.09 13.05 7.64
C PRO A 309 -3.58 13.29 7.77
N LEU A 310 -2.85 12.36 8.35
CA LEU A 310 -1.42 12.53 8.50
C LEU A 310 -0.75 12.57 7.16
N ALA A 311 -1.01 11.54 6.36
CA ALA A 311 -0.46 11.45 4.99
C ALA A 311 -0.77 12.70 4.17
N MET A 312 -2.03 13.15 4.18
CA MET A 312 -2.44 14.34 3.44
C MET A 312 -1.65 15.56 3.90
N THR A 313 -1.46 15.69 5.22
CA THR A 313 -0.71 16.79 5.81
C THR A 313 0.73 16.82 5.33
N ALA A 314 1.37 15.66 5.27
CA ALA A 314 2.74 15.58 4.83
C ALA A 314 2.92 15.98 3.36
N GLY A 315 2.06 15.47 2.49
CA GLY A 315 2.15 15.80 1.06
C GLY A 315 1.85 17.25 0.81
N ILE A 316 0.87 17.78 1.53
CA ILE A 316 0.50 19.19 1.38
C ILE A 316 1.69 20.10 1.64
N LYS A 317 2.32 19.95 2.82
CA LYS A 317 3.46 20.78 3.18
C LYS A 317 4.62 20.60 2.23
N THR A 318 4.83 19.36 1.80
CA THR A 318 5.91 19.06 0.87
C THR A 318 5.68 19.82 -0.45
N LEU A 319 4.49 19.69 -1.02
CA LEU A 319 4.19 20.38 -2.28
C LEU A 319 4.30 21.89 -2.13
N GLU A 320 3.89 22.41 -0.98
CA GLU A 320 3.97 23.85 -0.75
C GLU A 320 5.42 24.32 -0.71
N LEU A 321 6.32 23.47 -0.25
CA LEU A 321 7.75 23.81 -0.24
C LEU A 321 8.35 23.77 -1.64
N LEU A 322 7.97 22.77 -2.42
CA LEU A 322 8.48 22.63 -3.79
C LEU A 322 7.99 23.76 -4.70
N ARG A 323 6.83 24.29 -4.37
CA ARG A 323 6.20 25.36 -5.12
C ARG A 323 6.95 26.69 -4.97
N GLN A 324 7.91 26.74 -4.06
CA GLN A 324 8.66 27.97 -3.86
C GLN A 324 9.57 28.28 -5.03
N PRO A 325 9.78 29.57 -5.32
CA PRO A 325 10.62 29.97 -6.43
C PRO A 325 12.07 29.48 -6.26
N GLY A 326 12.69 29.04 -7.37
CA GLY A 326 14.07 28.58 -7.33
C GLY A 326 14.28 27.16 -6.90
N THR A 327 13.18 26.48 -6.64
CA THR A 327 13.25 25.10 -6.21
C THR A 327 13.97 24.21 -7.20
N TYR A 328 13.42 24.10 -8.41
CA TYR A 328 14.03 23.24 -9.42
C TYR A 328 15.29 23.75 -10.07
N GLU A 329 15.55 25.04 -9.91
CA GLU A 329 16.75 25.67 -10.46
C GLU A 329 17.95 25.27 -9.58
N TYR A 330 17.74 25.25 -8.26
CA TYR A 330 18.79 24.87 -7.33
C TYR A 330 19.18 23.39 -7.52
N LEU A 331 18.18 22.52 -7.59
CA LEU A 331 18.42 21.09 -7.77
C LEU A 331 19.23 20.80 -9.01
N ASP A 332 18.84 21.43 -10.12
CA ASP A 332 19.55 21.21 -11.38
C ASP A 332 20.99 21.68 -11.28
N GLN A 333 21.17 22.88 -10.74
CA GLN A 333 22.47 23.50 -10.57
C GLN A 333 23.43 22.63 -9.75
N ILE A 334 23.03 22.19 -8.55
CA ILE A 334 23.91 21.37 -7.73
C ILE A 334 24.08 19.95 -8.24
N THR A 335 23.06 19.45 -8.94
CA THR A 335 23.11 18.07 -9.47
C THR A 335 23.97 18.00 -10.72
N LYS A 336 24.00 19.09 -11.47
CA LYS A 336 24.80 19.18 -12.67
C LYS A 336 26.28 19.17 -12.29
N ARG A 337 26.64 19.92 -11.24
CA ARG A 337 28.01 19.96 -10.76
C ARG A 337 28.43 18.56 -10.37
N LEU A 338 27.54 17.84 -9.70
CA LEU A 338 27.81 16.47 -9.25
C LEU A 338 28.03 15.48 -10.40
N SER A 339 27.06 15.38 -11.30
CA SER A 339 27.18 14.45 -12.41
C SER A 339 28.40 14.76 -13.26
N ASP A 340 28.57 16.03 -13.61
CA ASP A 340 29.71 16.46 -14.41
C ASP A 340 31.01 16.13 -13.68
N GLY A 341 31.06 16.47 -12.40
CA GLY A 341 32.25 16.19 -11.60
C GLY A 341 32.60 14.71 -11.53
N LEU A 342 31.59 13.86 -11.35
CA LEU A 342 31.82 12.43 -11.28
C LEU A 342 32.36 11.93 -12.60
N LEU A 343 31.88 12.54 -13.69
CA LEU A 343 32.31 12.17 -15.04
C LEU A 343 33.76 12.62 -15.31
N ALA A 344 34.08 13.87 -14.97
CA ALA A 344 35.44 14.38 -15.16
C ALA A 344 36.42 13.50 -14.41
N ILE A 345 36.10 13.14 -13.18
CA ILE A 345 37.00 12.31 -12.38
C ILE A 345 37.15 10.93 -12.95
N ALA A 346 36.06 10.42 -13.50
CA ALA A 346 36.11 9.08 -14.07
C ALA A 346 37.16 9.11 -15.16
N GLN A 347 37.06 10.11 -16.03
CA GLN A 347 37.98 10.28 -17.15
C GLN A 347 39.41 10.51 -16.67
N GLU A 348 39.56 11.46 -15.76
CA GLU A 348 40.86 11.80 -15.19
C GLU A 348 41.56 10.59 -14.57
N THR A 349 40.81 9.76 -13.84
CA THR A 349 41.40 8.58 -13.22
C THR A 349 41.45 7.35 -14.14
N GLY A 350 41.13 7.56 -15.42
CA GLY A 350 41.16 6.47 -16.39
C GLY A 350 40.05 5.43 -16.33
N HIS A 351 38.80 5.89 -16.19
CA HIS A 351 37.67 4.99 -16.11
C HIS A 351 36.59 5.29 -17.14
N ALA A 352 36.16 4.22 -17.81
CA ALA A 352 35.10 4.35 -18.79
C ALA A 352 33.83 4.60 -17.98
N ALA A 353 33.10 5.66 -18.32
CA ALA A 353 31.90 5.97 -17.59
C ALA A 353 30.97 6.87 -18.39
N CYS A 354 29.68 6.77 -18.08
CA CYS A 354 28.69 7.61 -18.72
C CYS A 354 27.62 7.88 -17.68
N GLY A 355 26.80 8.89 -17.92
CA GLY A 355 25.76 9.23 -16.99
C GLY A 355 25.20 10.57 -17.37
N GLY A 356 24.40 11.14 -16.48
CA GLY A 356 23.78 12.43 -16.75
C GLY A 356 22.77 12.74 -15.65
N GLN A 357 22.06 13.84 -15.80
CA GLN A 357 21.08 14.27 -14.83
C GLN A 357 20.02 15.15 -15.44
N VAL A 358 18.85 15.16 -14.82
CA VAL A 358 17.75 16.02 -15.24
C VAL A 358 17.20 16.41 -13.89
N SER A 359 17.30 17.69 -13.57
CA SER A 359 16.86 18.22 -12.29
C SER A 359 17.54 17.43 -11.15
N GLY A 360 16.79 17.05 -10.11
CA GLY A 360 17.41 16.32 -9.02
C GLY A 360 17.53 14.81 -9.12
N MET A 361 17.76 14.27 -10.32
CA MET A 361 17.89 12.82 -10.51
C MET A 361 19.08 12.64 -11.44
N PHE A 362 19.96 11.71 -11.12
CA PHE A 362 21.14 11.50 -11.94
C PHE A 362 21.50 10.03 -11.98
N GLY A 363 22.53 9.71 -12.76
CA GLY A 363 22.98 8.34 -12.89
C GLY A 363 24.42 8.29 -13.34
N PHE A 364 25.14 7.25 -12.93
CA PHE A 364 26.54 7.12 -13.26
C PHE A 364 26.84 5.66 -13.49
N PHE A 365 27.24 5.32 -14.71
CA PHE A 365 27.57 3.94 -15.09
C PHE A 365 29.04 3.76 -15.40
N PHE A 366 29.55 2.59 -15.09
CA PHE A 366 30.92 2.22 -15.39
C PHE A 366 30.87 1.49 -16.74
N THR A 367 30.59 2.24 -17.80
CA THR A 367 30.54 1.71 -19.14
C THR A 367 30.70 2.89 -20.05
N GLU A 368 31.35 2.67 -21.19
CA GLU A 368 31.58 3.71 -22.19
C GLU A 368 30.25 4.31 -22.65
N GLY A 369 29.25 3.44 -22.74
CA GLY A 369 27.93 3.86 -23.15
C GLY A 369 27.88 4.25 -24.62
N PRO A 370 26.93 5.12 -25.02
CA PRO A 370 25.89 5.71 -24.16
C PRO A 370 24.81 4.69 -23.83
N VAL A 371 24.05 4.97 -22.76
CA VAL A 371 23.00 4.03 -22.36
C VAL A 371 21.64 4.48 -22.88
N HIS A 372 20.97 3.60 -23.65
CA HIS A 372 19.65 3.89 -24.23
C HIS A 372 18.52 2.99 -23.75
N ASN A 373 18.86 1.77 -23.35
CA ASN A 373 17.87 0.84 -22.87
C ASN A 373 18.44 -0.04 -21.75
N TYR A 374 17.69 -1.09 -21.41
CA TYR A 374 18.10 -2.01 -20.36
C TYR A 374 19.35 -2.80 -20.72
N GLU A 375 19.38 -3.39 -21.91
CA GLU A 375 20.54 -4.18 -22.34
C GLU A 375 21.84 -3.40 -22.30
N ASP A 376 21.76 -2.11 -22.63
CA ASP A 376 22.93 -1.24 -22.57
C ASP A 376 23.44 -1.13 -21.12
N ALA A 377 22.54 -0.83 -20.19
CA ALA A 377 22.93 -0.69 -18.79
C ALA A 377 23.60 -1.96 -18.25
N LYS A 378 23.14 -3.12 -18.68
CA LYS A 378 23.71 -4.39 -18.22
C LYS A 378 25.18 -4.63 -18.56
N LYS A 379 25.75 -3.73 -19.34
CA LYS A 379 27.15 -3.84 -19.77
C LYS A 379 28.14 -3.15 -18.86
N SER A 380 27.64 -2.46 -17.83
CA SER A 380 28.49 -1.75 -16.89
C SER A 380 29.33 -2.73 -16.11
N ASP A 381 30.47 -2.28 -15.58
CA ASP A 381 31.33 -3.16 -14.78
C ASP A 381 30.79 -3.21 -13.35
N LEU A 382 30.07 -4.29 -13.06
CA LEU A 382 29.45 -4.49 -11.77
C LEU A 382 30.46 -4.74 -10.66
N GLN A 383 31.63 -5.26 -11.01
CA GLN A 383 32.66 -5.47 -10.00
C GLN A 383 33.31 -4.14 -9.68
N LYS A 384 33.52 -3.31 -10.69
CA LYS A 384 34.11 -2.02 -10.43
C LYS A 384 33.12 -1.27 -9.54
N PHE A 385 31.85 -1.26 -9.93
CA PHE A 385 30.83 -0.57 -9.14
C PHE A 385 30.79 -1.05 -7.69
N SER A 386 30.87 -2.36 -7.48
CA SER A 386 30.87 -2.93 -6.14
C SER A 386 32.01 -2.40 -5.29
N ARG A 387 33.20 -2.28 -5.88
CA ARG A 387 34.38 -1.79 -5.16
C ARG A 387 34.28 -0.28 -4.92
N PHE A 388 33.65 0.42 -5.85
CA PHE A 388 33.48 1.86 -5.75
C PHE A 388 32.41 2.23 -4.71
N HIS A 389 31.38 1.39 -4.56
CA HIS A 389 30.32 1.68 -3.61
C HIS A 389 30.87 1.59 -2.22
N ARG A 390 31.57 0.49 -1.96
CA ARG A 390 32.18 0.26 -0.66
C ARG A 390 33.19 1.36 -0.34
N GLY A 391 33.94 1.75 -1.35
CA GLY A 391 34.91 2.81 -1.16
C GLY A 391 34.22 4.08 -0.75
N MET A 392 33.16 4.46 -1.47
CA MET A 392 32.41 5.68 -1.17
C MET A 392 31.76 5.63 0.21
N LEU A 393 31.37 4.43 0.61
CA LEU A 393 30.72 4.19 1.87
C LEU A 393 31.68 4.50 3.00
N GLU A 394 32.91 4.02 2.87
CA GLU A 394 33.93 4.24 3.90
C GLU A 394 34.40 5.69 3.96
N GLN A 395 34.12 6.45 2.89
CA GLN A 395 34.49 7.86 2.81
C GLN A 395 33.33 8.71 3.28
N GLY A 396 32.27 8.06 3.72
CA GLY A 396 31.11 8.79 4.23
C GLY A 396 30.10 9.31 3.23
N ILE A 397 29.97 8.60 2.12
CA ILE A 397 29.00 8.98 1.08
C ILE A 397 28.09 7.77 0.94
N TYR A 398 26.78 8.00 1.03
CA TYR A 398 25.82 6.90 0.89
C TYR A 398 25.09 6.93 -0.46
N LEU A 399 25.33 5.91 -1.28
CA LEU A 399 24.73 5.74 -2.61
C LEU A 399 23.96 4.44 -2.60
N ALA A 400 22.98 4.34 -3.49
CA ALA A 400 22.14 3.14 -3.63
C ALA A 400 22.99 1.90 -3.89
N PRO A 401 22.75 0.80 -3.17
CA PRO A 401 23.55 -0.41 -3.40
C PRO A 401 23.22 -1.16 -4.70
N SER A 402 23.32 -0.47 -5.83
CA SER A 402 23.01 -1.06 -7.13
C SER A 402 23.39 -0.15 -8.29
N GLN A 403 23.83 -0.75 -9.39
CA GLN A 403 24.18 -0.01 -10.59
C GLN A 403 22.88 0.38 -11.32
N PHE A 404 21.77 -0.31 -10.97
CA PHE A 404 20.48 -0.09 -11.60
C PHE A 404 19.47 0.79 -10.90
N GLU A 405 19.93 1.84 -10.24
CA GLU A 405 19.02 2.75 -9.55
C GLU A 405 19.48 4.19 -9.77
N ALA A 406 18.55 5.10 -10.02
CA ALA A 406 18.92 6.50 -10.19
C ALA A 406 19.35 7.00 -8.81
N GLY A 407 20.08 8.11 -8.77
CA GLY A 407 20.53 8.66 -7.52
C GLY A 407 19.79 9.93 -7.28
N PHE A 408 19.60 10.30 -6.01
CA PHE A 408 18.85 11.50 -5.69
C PHE A 408 19.60 12.53 -4.90
N THR A 409 19.23 13.77 -5.18
CA THR A 409 19.78 14.96 -4.58
C THR A 409 18.58 15.68 -3.92
N SER A 410 18.83 16.56 -2.96
CA SER A 410 17.75 17.25 -2.27
C SER A 410 18.03 18.72 -2.12
N LEU A 411 17.03 19.47 -1.70
CA LEU A 411 17.19 20.89 -1.49
C LEU A 411 18.01 21.15 -0.25
N ALA A 412 18.26 20.09 0.52
CA ALA A 412 19.03 20.19 1.76
C ALA A 412 20.52 20.02 1.44
N HIS A 413 20.82 19.44 0.30
CA HIS A 413 22.20 19.26 -0.10
C HIS A 413 22.78 20.63 -0.38
N THR A 414 24.07 20.84 -0.04
CA THR A 414 24.71 22.15 -0.27
C THR A 414 25.89 21.96 -1.21
N GLU A 415 26.41 23.08 -1.70
CA GLU A 415 27.57 23.04 -2.59
C GLU A 415 28.68 22.32 -1.85
N GLU A 416 28.75 22.57 -0.55
CA GLU A 416 29.77 21.94 0.27
C GLU A 416 29.64 20.44 0.22
N ASP A 417 28.40 19.95 0.36
CA ASP A 417 28.17 18.50 0.36
C ASP A 417 28.55 17.91 -0.97
N ILE A 418 28.29 18.67 -2.03
CA ILE A 418 28.60 18.24 -3.38
C ILE A 418 30.09 18.10 -3.49
N ASP A 419 30.81 19.15 -3.09
CA ASP A 419 32.27 19.15 -3.15
C ASP A 419 32.96 18.04 -2.37
N ALA A 420 32.44 17.72 -1.19
CA ALA A 420 33.02 16.63 -0.39
C ALA A 420 32.75 15.30 -1.06
N THR A 421 31.70 15.21 -1.86
CA THR A 421 31.40 13.96 -2.56
C THR A 421 32.40 13.78 -3.69
N LEU A 422 32.69 14.87 -4.40
CA LEU A 422 33.66 14.83 -5.48
C LEU A 422 35.02 14.48 -4.89
N ALA A 423 35.37 15.13 -3.78
CA ALA A 423 36.65 14.86 -3.11
C ALA A 423 36.77 13.39 -2.73
N ALA A 424 35.66 12.79 -2.35
CA ALA A 424 35.67 11.38 -1.98
C ALA A 424 35.70 10.50 -3.21
N ALA A 425 35.05 10.96 -4.28
CA ALA A 425 35.01 10.21 -5.53
C ALA A 425 36.39 10.16 -6.13
N ARG A 426 37.11 11.28 -6.03
CA ARG A 426 38.46 11.39 -6.55
C ARG A 426 39.34 10.38 -5.82
N THR A 427 39.22 10.36 -4.49
CA THR A 427 39.99 9.46 -3.64
C THR A 427 39.70 7.98 -3.93
N VAL A 428 38.41 7.65 -4.05
CA VAL A 428 38.00 6.28 -4.29
C VAL A 428 38.37 5.81 -5.68
N MET A 429 38.09 6.64 -6.67
CA MET A 429 38.40 6.31 -8.06
C MET A 429 39.88 6.29 -8.37
N SER A 430 40.68 7.01 -7.58
CA SER A 430 42.13 7.02 -7.76
C SER A 430 42.69 5.61 -7.57
N ALA A 431 41.90 4.72 -6.96
CA ALA A 431 42.33 3.35 -6.77
C ALA A 431 41.55 2.44 -7.73
N LEU A 432 40.60 1.68 -7.19
CA LEU A 432 39.75 0.75 -7.96
C LEU A 432 40.48 -0.38 -8.68
N PHE B 6 -29.76 18.72 14.08
CA PHE B 6 -28.66 17.99 13.37
C PHE B 6 -28.46 18.72 12.07
N LYS B 7 -27.42 19.57 12.03
CA LYS B 7 -27.12 20.32 10.82
C LYS B 7 -25.82 19.75 10.27
N THR B 8 -25.77 19.58 8.96
CA THR B 8 -24.62 19.03 8.28
C THR B 8 -24.17 19.96 7.16
N ILE B 9 -24.46 21.25 7.28
CA ILE B 9 -24.10 22.22 6.25
C ILE B 9 -22.67 22.10 5.74
N LYS B 10 -21.70 22.17 6.64
CA LYS B 10 -20.30 22.09 6.24
C LYS B 10 -19.96 20.74 5.59
N SER B 11 -20.41 19.64 6.19
CA SER B 11 -20.16 18.35 5.60
C SER B 11 -20.68 18.34 4.15
N ASP B 12 -21.86 18.92 3.96
CA ASP B 12 -22.50 18.99 2.64
C ASP B 12 -21.70 19.75 1.57
N GLU B 13 -21.29 20.96 1.89
CA GLU B 13 -20.54 21.71 0.91
C GLU B 13 -19.18 21.10 0.65
N ILE B 14 -18.55 20.60 1.70
CA ILE B 14 -17.23 20.00 1.56
C ILE B 14 -17.30 18.80 0.63
N PHE B 15 -18.27 17.92 0.87
CA PHE B 15 -18.47 16.71 0.05
C PHE B 15 -18.90 17.07 -1.37
N ALA B 16 -19.67 18.15 -1.50
CA ALA B 16 -20.10 18.58 -2.79
C ALA B 16 -18.84 18.92 -3.60
N ALA B 17 -17.96 19.74 -3.00
CA ALA B 17 -16.73 20.12 -3.68
C ALA B 17 -15.88 18.89 -4.00
N ALA B 18 -15.88 17.91 -3.10
CA ALA B 18 -15.07 16.70 -3.27
C ALA B 18 -15.38 15.89 -4.52
N GLN B 19 -16.64 15.88 -4.91
CA GLN B 19 -17.05 15.13 -6.08
C GLN B 19 -16.42 15.62 -7.39
N LYS B 20 -15.92 16.85 -7.40
CA LYS B 20 -15.30 17.43 -8.58
C LYS B 20 -13.83 17.07 -8.68
N LEU B 21 -13.24 16.69 -7.55
CA LEU B 21 -11.81 16.38 -7.50
C LEU B 21 -11.47 14.92 -7.51
N MET B 22 -12.32 14.14 -6.86
CA MET B 22 -12.07 12.71 -6.73
C MET B 22 -13.30 11.89 -7.15
N PRO B 23 -13.09 10.67 -7.68
CA PRO B 23 -14.14 9.74 -8.15
C PRO B 23 -15.13 9.47 -7.04
N GLY B 24 -16.31 10.04 -7.14
CA GLY B 24 -17.30 9.82 -6.10
C GLY B 24 -17.11 10.79 -4.94
N GLY B 25 -15.99 11.52 -4.96
CA GLY B 25 -15.70 12.47 -3.90
C GLY B 25 -15.10 11.81 -2.67
N VAL B 26 -14.61 10.58 -2.84
CA VAL B 26 -14.03 9.84 -1.73
C VAL B 26 -12.74 9.08 -2.11
N SER B 27 -12.05 8.54 -1.11
CA SER B 27 -10.80 7.77 -1.32
C SER B 27 -11.04 6.29 -1.23
N SER B 28 -12.20 5.91 -0.70
CA SER B 28 -12.57 4.53 -0.55
C SER B 28 -14.08 4.56 -0.79
N PRO B 29 -14.61 3.65 -1.64
CA PRO B 29 -16.04 3.55 -2.01
C PRO B 29 -17.08 3.65 -0.90
N VAL B 30 -16.93 2.85 0.14
CA VAL B 30 -17.90 2.84 1.23
C VAL B 30 -18.12 4.15 1.98
N ARG B 31 -17.19 5.09 1.85
CA ARG B 31 -17.28 6.36 2.55
C ARG B 31 -18.31 7.30 1.93
N ALA B 32 -18.85 6.93 0.78
CA ALA B 32 -19.81 7.79 0.11
C ALA B 32 -21.26 7.62 0.61
N PHE B 33 -21.51 6.67 1.51
CA PHE B 33 -22.86 6.42 2.06
C PHE B 33 -23.89 6.05 1.01
N LYS B 34 -23.46 5.53 -0.13
CA LYS B 34 -24.37 5.16 -1.22
C LYS B 34 -25.44 4.13 -0.92
N SER B 35 -25.17 3.23 0.02
CA SER B 35 -26.14 2.19 0.38
C SER B 35 -26.91 2.57 1.65
N VAL B 36 -26.74 3.82 2.07
CA VAL B 36 -27.35 4.32 3.28
C VAL B 36 -27.88 5.76 3.09
N GLY B 37 -28.25 6.08 1.86
CA GLY B 37 -28.79 7.41 1.60
C GLY B 37 -27.97 8.31 0.73
N GLY B 38 -26.65 8.26 0.86
CA GLY B 38 -25.79 9.08 0.02
C GLY B 38 -25.24 10.41 0.54
N GLN B 39 -25.35 10.69 1.84
CA GLN B 39 -24.79 11.93 2.38
C GLN B 39 -23.91 11.66 3.59
N PRO B 40 -22.57 11.60 3.37
CA PRO B 40 -21.57 11.34 4.40
C PRO B 40 -21.31 12.57 5.26
N ILE B 41 -20.73 12.36 6.43
CA ILE B 41 -20.38 13.48 7.27
C ILE B 41 -18.84 13.52 7.19
N VAL B 42 -18.29 14.72 7.14
CA VAL B 42 -16.85 14.91 7.05
C VAL B 42 -16.27 15.02 8.48
N PHE B 43 -15.26 14.21 8.79
CA PHE B 43 -14.63 14.24 10.13
C PHE B 43 -13.59 15.35 10.30
N ASP B 44 -13.50 15.91 11.51
CA ASP B 44 -12.50 16.93 11.80
C ASP B 44 -11.45 16.39 12.76
N ARG B 45 -11.88 15.62 13.75
CA ARG B 45 -10.96 15.04 14.73
C ARG B 45 -11.59 13.82 15.39
N VAL B 46 -10.75 12.96 15.94
CA VAL B 46 -11.19 11.75 16.62
C VAL B 46 -10.38 11.64 17.93
N LYS B 47 -11.03 11.13 18.98
CA LYS B 47 -10.39 10.99 20.28
C LYS B 47 -11.12 9.96 21.12
N ASP B 48 -10.38 9.03 21.69
CA ASP B 48 -10.96 7.98 22.51
C ASP B 48 -12.00 7.18 21.74
N ALA B 49 -13.26 7.20 22.16
CA ALA B 49 -14.31 6.47 21.47
C ALA B 49 -15.22 7.40 20.67
N TYR B 50 -14.77 8.62 20.44
CA TYR B 50 -15.61 9.62 19.78
C TYR B 50 -15.08 10.20 18.47
N ALA B 51 -15.97 10.92 17.80
CA ALA B 51 -15.61 11.57 16.54
C ALA B 51 -16.34 12.87 16.48
N TRP B 52 -15.71 13.88 15.88
CA TRP B 52 -16.32 15.19 15.72
C TRP B 52 -16.38 15.58 14.25
N ASP B 53 -17.50 16.22 13.92
CA ASP B 53 -17.89 16.75 12.64
C ASP B 53 -17.23 18.07 12.35
N VAL B 54 -17.31 18.46 11.08
CA VAL B 54 -16.84 19.75 10.64
C VAL B 54 -17.94 20.77 11.07
N ASP B 55 -19.03 20.25 11.62
CA ASP B 55 -20.15 21.07 12.09
C ASP B 55 -20.23 21.16 13.62
N GLY B 56 -19.28 20.50 14.27
CA GLY B 56 -19.23 20.51 15.71
C GLY B 56 -19.98 19.38 16.38
N ASN B 57 -20.63 18.52 15.61
CA ASN B 57 -21.37 17.40 16.20
C ASN B 57 -20.42 16.29 16.63
N ARG B 58 -20.70 15.69 17.78
CA ARG B 58 -19.88 14.62 18.33
C ARG B 58 -20.61 13.28 18.24
N TYR B 59 -19.89 12.21 17.95
CA TYR B 59 -20.49 10.89 17.83
C TYR B 59 -19.71 9.88 18.62
N ILE B 60 -20.37 8.79 18.99
CA ILE B 60 -19.73 7.68 19.67
C ILE B 60 -19.48 6.80 18.45
N ASP B 61 -18.20 6.52 18.20
CA ASP B 61 -17.75 5.78 17.05
C ASP B 61 -17.77 4.29 17.23
N TYR B 62 -18.30 3.59 16.23
CA TYR B 62 -18.34 2.13 16.22
C TYR B 62 -17.70 1.61 14.93
N VAL B 63 -17.11 2.54 14.19
CA VAL B 63 -16.41 2.22 12.95
C VAL B 63 -14.93 2.02 13.38
N GLY B 64 -14.39 2.92 14.18
CA GLY B 64 -13.01 2.79 14.64
C GLY B 64 -12.02 2.74 13.49
N THR B 65 -12.20 3.69 12.57
CA THR B 65 -11.44 3.83 11.32
C THR B 65 -11.25 2.49 10.58
N TRP B 66 -12.23 1.61 10.75
CA TRP B 66 -12.31 0.29 10.14
C TRP B 66 -11.38 -0.75 10.74
N GLY B 67 -11.20 -0.71 12.07
CA GLY B 67 -10.33 -1.67 12.74
C GLY B 67 -9.12 -1.17 13.51
N PRO B 68 -8.26 -0.32 12.90
CA PRO B 68 -7.07 0.24 13.52
C PRO B 68 -7.18 0.74 14.96
N ALA B 69 -8.23 1.49 15.26
CA ALA B 69 -8.37 2.08 16.58
C ALA B 69 -8.88 1.23 17.75
N ILE B 70 -8.39 0.01 17.89
CA ILE B 70 -8.81 -0.85 18.99
C ILE B 70 -8.45 -0.32 20.39
N CYS B 71 -7.47 0.58 20.46
CA CYS B 71 -7.01 1.17 21.72
C CYS B 71 -7.70 2.51 21.99
N GLY B 72 -8.50 2.95 21.04
CA GLY B 72 -9.18 4.22 21.15
C GLY B 72 -8.45 5.19 20.21
N HIS B 73 -9.16 6.16 19.66
CA HIS B 73 -8.55 7.12 18.77
C HIS B 73 -7.62 8.03 19.54
N ALA B 74 -6.60 8.50 18.83
CA ALA B 74 -5.61 9.43 19.37
C ALA B 74 -5.09 9.02 20.72
N HIS B 75 -4.76 7.75 20.87
CA HIS B 75 -4.24 7.31 22.13
C HIS B 75 -2.98 8.08 22.52
N PRO B 76 -2.98 8.68 23.72
CA PRO B 76 -1.92 9.48 24.32
C PRO B 76 -0.54 8.86 24.27
N GLU B 77 -0.47 7.58 24.57
CA GLU B 77 0.81 6.89 24.60
C GLU B 77 1.29 6.57 23.21
N VAL B 78 0.36 6.46 22.28
CA VAL B 78 0.74 6.13 20.93
C VAL B 78 1.21 7.39 20.22
N ILE B 79 0.53 8.50 20.39
CA ILE B 79 0.99 9.70 19.70
C ILE B 79 2.23 10.38 20.30
N GLU B 80 2.50 10.14 21.58
CA GLU B 80 3.67 10.69 22.26
C GLU B 80 4.90 9.98 21.70
N ALA B 81 4.75 8.67 21.54
CA ALA B 81 5.79 7.84 21.00
C ALA B 81 6.10 8.23 19.55
N LEU B 82 5.09 8.67 18.81
CA LEU B 82 5.28 9.06 17.42
C LEU B 82 5.92 10.43 17.33
N LYS B 83 5.56 11.32 18.25
CA LYS B 83 6.11 12.68 18.29
C LYS B 83 7.60 12.65 18.58
N VAL B 84 8.02 11.64 19.32
CA VAL B 84 9.42 11.43 19.69
C VAL B 84 10.13 10.82 18.49
N ALA B 85 9.54 9.78 17.95
CA ALA B 85 10.12 9.09 16.81
C ALA B 85 10.37 9.97 15.60
N MET B 86 9.43 10.82 15.22
CA MET B 86 9.66 11.61 14.02
C MET B 86 10.80 12.59 14.06
N GLU B 87 11.31 12.88 15.25
CA GLU B 87 12.43 13.81 15.29
C GLU B 87 13.70 13.12 14.80
N LYS B 88 13.57 11.89 14.32
CA LYS B 88 14.71 11.15 13.79
C LYS B 88 14.52 10.84 12.31
N GLY B 89 13.48 11.43 11.72
CA GLY B 89 13.15 11.15 10.33
C GLY B 89 12.00 10.14 10.29
N THR B 90 11.12 10.27 9.30
CA THR B 90 9.99 9.36 9.21
C THR B 90 10.24 8.17 8.29
N SER B 91 11.23 8.29 7.40
CA SER B 91 11.57 7.22 6.46
C SER B 91 13.09 7.19 6.20
N PHE B 92 13.69 5.99 6.26
CA PHE B 92 15.15 5.81 6.07
C PHE B 92 15.54 5.24 4.72
N GLY B 93 14.88 4.15 4.32
CA GLY B 93 15.19 3.54 3.04
C GLY B 93 16.26 2.49 3.25
N ALA B 94 16.58 2.25 4.52
CA ALA B 94 17.59 1.28 4.91
C ALA B 94 17.06 0.61 6.16
N PRO B 95 17.66 -0.51 6.58
CA PRO B 95 17.19 -1.18 7.79
C PRO B 95 17.24 -0.28 9.05
N CYS B 96 16.44 -0.63 10.06
CA CYS B 96 16.40 0.09 11.30
C CYS B 96 16.08 -0.96 12.35
N ALA B 97 16.49 -0.72 13.58
CA ALA B 97 16.28 -1.67 14.66
C ALA B 97 14.81 -1.97 14.96
N LEU B 98 13.95 -0.98 14.74
CA LEU B 98 12.51 -1.11 14.99
C LEU B 98 11.81 -2.22 14.17
N GLU B 99 12.32 -2.51 12.98
CA GLU B 99 11.76 -3.56 12.15
C GLU B 99 11.95 -4.89 12.88
N ASN B 100 13.13 -5.05 13.45
CA ASN B 100 13.45 -6.26 14.23
C ASN B 100 12.51 -6.48 15.41
N VAL B 101 12.26 -5.44 16.21
CA VAL B 101 11.42 -5.60 17.38
C VAL B 101 9.94 -5.90 17.10
N LEU B 102 9.36 -5.21 16.12
CA LEU B 102 7.97 -5.45 15.76
C LEU B 102 7.90 -6.85 15.15
N ALA B 103 8.90 -7.19 14.32
CA ALA B 103 8.92 -8.51 13.70
C ALA B 103 8.96 -9.60 14.76
N GLU B 104 9.74 -9.40 15.80
CA GLU B 104 9.83 -10.41 16.85
C GLU B 104 8.53 -10.51 17.61
N MET B 105 7.91 -9.35 17.82
CA MET B 105 6.64 -9.30 18.52
C MET B 105 5.56 -10.05 17.77
N VAL B 106 5.46 -9.84 16.46
CA VAL B 106 4.48 -10.50 15.62
C VAL B 106 4.74 -12.01 15.55
N ASN B 107 6.01 -12.43 15.52
CA ASN B 107 6.31 -13.86 15.48
C ASN B 107 5.82 -14.51 16.76
N ASP B 108 5.96 -13.80 17.88
CA ASP B 108 5.52 -14.32 19.19
C ASP B 108 4.00 -14.33 19.35
N ALA B 109 3.35 -13.26 18.87
CA ALA B 109 1.90 -13.09 18.94
C ALA B 109 1.10 -14.14 18.13
N VAL B 110 1.35 -14.22 16.83
CA VAL B 110 0.63 -15.16 15.98
C VAL B 110 1.29 -16.52 15.72
N PRO B 111 0.60 -17.60 16.11
CA PRO B 111 1.02 -19.00 15.96
C PRO B 111 1.69 -19.40 14.67
N SER B 112 1.00 -19.25 13.55
CA SER B 112 1.58 -19.66 12.27
C SER B 112 2.77 -18.85 11.76
N ILE B 113 3.04 -17.69 12.33
CA ILE B 113 4.15 -16.88 11.84
C ILE B 113 5.50 -17.10 12.49
N GLU B 114 6.47 -17.49 11.66
CA GLU B 114 7.84 -17.74 12.09
C GLU B 114 8.77 -16.74 11.43
N MET B 115 8.26 -16.06 10.41
CA MET B 115 9.01 -15.08 9.64
C MET B 115 7.95 -14.16 9.01
N VAL B 116 8.19 -12.84 9.07
CA VAL B 116 7.27 -11.82 8.54
C VAL B 116 7.93 -10.92 7.51
N ARG B 117 7.08 -10.20 6.77
CA ARG B 117 7.52 -9.24 5.78
C ARG B 117 6.44 -8.15 5.90
N PHE B 118 6.87 -6.96 6.29
CA PHE B 118 5.99 -5.83 6.46
C PHE B 118 5.75 -5.21 5.12
N VAL B 119 4.56 -4.63 4.93
CA VAL B 119 4.21 -3.95 3.68
C VAL B 119 3.48 -2.69 4.10
N ASN B 120 2.74 -2.08 3.19
CA ASN B 120 2.05 -0.85 3.49
C ASN B 120 0.57 -0.89 3.60
N SER B 121 0.00 -2.06 3.35
CA SER B 121 -1.45 -2.22 3.47
C SER B 121 -1.79 -3.70 3.42
N GLY B 122 -3.05 -4.01 3.76
CA GLY B 122 -3.53 -5.38 3.71
C GLY B 122 -3.61 -5.84 2.26
N THR B 123 -3.90 -4.92 1.34
CA THR B 123 -3.98 -5.24 -0.09
C THR B 123 -2.64 -5.77 -0.58
N GLU B 124 -1.56 -5.07 -0.27
CA GLU B 124 -0.21 -5.49 -0.66
C GLU B 124 0.11 -6.90 -0.11
N ALA B 125 -0.25 -7.14 1.15
CA ALA B 125 -0.02 -8.43 1.79
C ALA B 125 -0.77 -9.54 1.07
N CYS B 126 -2.04 -9.31 0.72
CA CYS B 126 -2.85 -10.29 0.00
C CYS B 126 -2.30 -10.57 -1.40
N MET B 127 -1.80 -9.55 -2.09
CA MET B 127 -1.18 -9.73 -3.43
C MET B 127 -0.01 -10.71 -3.23
N ALA B 128 0.86 -10.34 -2.30
CA ALA B 128 2.05 -11.12 -2.00
C ALA B 128 1.79 -12.57 -1.61
N VAL B 129 0.84 -12.79 -0.69
CA VAL B 129 0.52 -14.13 -0.21
C VAL B 129 -0.05 -15.03 -1.30
N LEU B 130 -0.84 -14.48 -2.21
CA LEU B 130 -1.40 -15.26 -3.31
C LEU B 130 -0.26 -15.77 -4.16
N ARG B 131 0.59 -14.84 -4.57
CA ARG B 131 1.75 -15.14 -5.38
C ARG B 131 2.66 -16.15 -4.69
N LEU B 132 2.81 -16.07 -3.37
CA LEU B 132 3.65 -17.02 -2.66
C LEU B 132 2.93 -18.34 -2.50
N MET B 133 1.58 -18.36 -2.47
CA MET B 133 0.96 -19.68 -2.38
C MET B 133 1.12 -20.42 -3.72
N ARG B 134 1.01 -19.68 -4.82
CA ARG B 134 1.22 -20.29 -6.12
C ARG B 134 2.68 -20.67 -6.41
N ALA B 135 3.63 -19.85 -5.94
CA ALA B 135 5.03 -20.14 -6.17
C ALA B 135 5.53 -21.31 -5.35
N TYR B 136 5.05 -21.41 -4.12
CA TYR B 136 5.49 -22.50 -3.26
C TYR B 136 4.92 -23.84 -3.69
N THR B 137 3.65 -23.86 -4.08
CA THR B 137 3.04 -25.13 -4.49
C THR B 137 3.33 -25.44 -5.96
N GLY B 138 3.38 -24.40 -6.78
CA GLY B 138 3.62 -24.59 -8.19
C GLY B 138 2.30 -24.81 -8.93
N ARG B 139 1.19 -24.46 -8.29
CA ARG B 139 -0.10 -24.62 -8.91
C ARG B 139 -0.71 -23.25 -9.12
N ASP B 140 -1.80 -23.18 -9.89
CA ASP B 140 -2.40 -21.89 -10.20
C ASP B 140 -3.79 -21.62 -9.68
N LYS B 141 -4.51 -22.65 -9.23
CA LYS B 141 -5.88 -22.47 -8.73
C LYS B 141 -5.93 -22.18 -7.23
N ILE B 142 -6.74 -21.20 -6.86
CA ILE B 142 -6.91 -20.79 -5.47
C ILE B 142 -8.40 -20.85 -5.21
N ILE B 143 -8.79 -21.25 -4.01
CA ILE B 143 -10.21 -21.29 -3.66
C ILE B 143 -10.50 -20.13 -2.71
N LYS B 144 -11.38 -19.24 -3.14
CA LYS B 144 -11.78 -18.08 -2.37
C LYS B 144 -13.24 -18.35 -1.97
N PHE B 145 -13.82 -17.51 -1.13
CA PHE B 145 -15.20 -17.67 -0.68
C PHE B 145 -16.03 -16.44 -0.98
N GLU B 146 -17.32 -16.65 -1.24
CA GLU B 146 -18.24 -15.55 -1.54
C GLU B 146 -18.40 -14.65 -0.31
N GLY B 147 -18.19 -13.36 -0.51
CA GLY B 147 -18.32 -12.42 0.59
C GLY B 147 -17.01 -12.06 1.28
N CYS B 148 -15.93 -12.76 0.98
CA CYS B 148 -14.65 -12.43 1.59
C CYS B 148 -13.91 -11.40 0.76
N TYR B 149 -13.42 -10.35 1.42
CA TYR B 149 -12.66 -9.31 0.75
C TYR B 149 -11.20 -9.54 1.12
N HIS B 150 -10.35 -9.64 0.11
CA HIS B 150 -8.93 -9.88 0.31
C HIS B 150 -8.11 -8.86 -0.47
N GLY B 151 -8.52 -7.60 -0.42
CA GLY B 151 -7.81 -6.54 -1.12
C GLY B 151 -8.27 -6.30 -2.55
N HIS B 152 -8.31 -5.04 -2.96
CA HIS B 152 -8.73 -4.71 -4.32
C HIS B 152 -7.67 -5.20 -5.29
N ALA B 153 -7.73 -6.49 -5.60
CA ALA B 153 -6.79 -7.10 -6.51
C ALA B 153 -7.50 -7.73 -7.69
N ASP B 154 -6.73 -8.07 -8.72
CA ASP B 154 -7.29 -8.69 -9.91
C ASP B 154 -7.90 -10.06 -9.67
N MET B 155 -7.02 -11.05 -9.51
CA MET B 155 -7.42 -12.43 -9.27
C MET B 155 -8.53 -12.63 -8.25
N PHE B 156 -8.67 -11.70 -7.32
CA PHE B 156 -9.68 -11.83 -6.28
C PHE B 156 -10.96 -11.00 -6.33
N LEU B 157 -11.05 -10.05 -7.25
CA LEU B 157 -12.27 -9.25 -7.34
C LEU B 157 -13.34 -10.10 -8.04
N VAL B 158 -13.84 -11.08 -7.30
CA VAL B 158 -14.87 -11.99 -7.77
C VAL B 158 -15.66 -12.45 -6.55
N LYS B 159 -16.80 -11.79 -6.33
CA LYS B 159 -17.67 -12.09 -5.19
C LYS B 159 -16.99 -11.67 -3.88
N ALA B 160 -16.15 -10.65 -3.95
CA ALA B 160 -15.42 -10.14 -2.79
C ALA B 160 -16.31 -9.57 -1.69
N GLY B 161 -15.68 -9.00 -0.67
CA GLY B 161 -16.41 -8.42 0.45
C GLY B 161 -16.40 -6.91 0.41
N SER B 162 -16.54 -6.29 1.58
CA SER B 162 -16.56 -4.83 1.71
C SER B 162 -17.53 -4.24 0.68
N GLY B 163 -17.14 -3.16 0.01
CA GLY B 163 -18.00 -2.55 -0.99
C GLY B 163 -18.64 -3.55 -1.94
N VAL B 164 -17.90 -4.61 -2.28
CA VAL B 164 -18.42 -5.64 -3.17
C VAL B 164 -19.62 -6.23 -2.44
N ALA B 165 -19.36 -6.85 -1.29
CA ALA B 165 -20.42 -7.41 -0.48
C ALA B 165 -20.96 -6.29 0.41
N THR B 166 -21.54 -5.28 -0.23
CA THR B 166 -22.12 -4.11 0.43
C THR B 166 -23.03 -3.45 -0.60
N LEU B 167 -22.44 -2.97 -1.69
CA LEU B 167 -23.19 -2.33 -2.75
C LEU B 167 -23.29 -3.24 -3.98
N GLY B 168 -23.22 -4.54 -3.72
CA GLY B 168 -23.34 -5.55 -4.76
C GLY B 168 -22.38 -5.48 -5.94
N LEU B 169 -21.14 -5.10 -5.69
CA LEU B 169 -20.16 -5.03 -6.76
C LEU B 169 -19.90 -6.47 -7.20
N PRO B 170 -20.06 -6.75 -8.49
CA PRO B 170 -19.86 -8.08 -9.07
C PRO B 170 -18.41 -8.53 -9.25
N SER B 171 -18.17 -9.22 -10.35
CA SER B 171 -16.85 -9.73 -10.70
C SER B 171 -16.08 -8.82 -11.63
N SER B 172 -14.76 -8.93 -11.57
CA SER B 172 -13.84 -8.18 -12.41
C SER B 172 -13.27 -6.78 -12.08
N PRO B 173 -13.95 -5.69 -12.43
CA PRO B 173 -13.46 -4.34 -12.16
C PRO B 173 -12.02 -4.10 -12.58
N GLY B 174 -11.78 -4.44 -13.85
CA GLY B 174 -10.47 -4.29 -14.47
C GLY B 174 -9.67 -5.57 -14.42
N VAL B 175 -10.30 -6.64 -13.98
CA VAL B 175 -9.64 -7.93 -13.91
C VAL B 175 -10.28 -8.83 -14.98
N PRO B 176 -9.47 -9.29 -15.94
CA PRO B 176 -9.94 -10.15 -17.03
C PRO B 176 -10.37 -11.55 -16.61
N LYS B 177 -10.92 -12.27 -17.58
CA LYS B 177 -11.36 -13.64 -17.39
C LYS B 177 -10.08 -14.48 -17.34
N LYS B 178 -8.96 -13.82 -17.62
CA LYS B 178 -7.65 -14.44 -17.62
C LYS B 178 -7.03 -14.34 -16.23
N THR B 179 -7.57 -13.46 -15.41
CA THR B 179 -7.09 -13.31 -14.04
C THR B 179 -8.06 -14.08 -13.15
N THR B 180 -9.32 -13.67 -13.15
CA THR B 180 -10.34 -14.33 -12.35
C THR B 180 -10.85 -15.64 -12.95
N ALA B 181 -9.92 -16.57 -13.15
CA ALA B 181 -10.21 -17.92 -13.69
C ALA B 181 -9.31 -18.94 -12.98
N ASN B 182 -8.26 -18.42 -12.36
CA ASN B 182 -7.31 -19.22 -11.60
C ASN B 182 -7.83 -19.25 -10.16
N THR B 183 -8.97 -18.58 -9.94
CA THR B 183 -9.59 -18.52 -8.62
C THR B 183 -10.95 -19.17 -8.59
N LEU B 184 -11.07 -20.26 -7.84
CA LEU B 184 -12.33 -20.94 -7.69
C LEU B 184 -13.10 -20.23 -6.58
N THR B 185 -14.38 -20.55 -6.42
CA THR B 185 -15.20 -19.90 -5.41
C THR B 185 -16.33 -20.79 -4.88
N THR B 186 -16.38 -20.93 -3.55
CA THR B 186 -17.40 -21.73 -2.88
C THR B 186 -18.14 -20.83 -1.88
N PRO B 187 -19.30 -21.27 -1.38
CA PRO B 187 -19.99 -20.39 -0.43
C PRO B 187 -19.30 -20.52 0.92
N TYR B 188 -19.33 -19.45 1.70
CA TYR B 188 -18.72 -19.50 3.02
C TYR B 188 -19.44 -20.57 3.82
N ASN B 189 -18.67 -21.37 4.56
CA ASN B 189 -19.20 -22.44 5.39
C ASN B 189 -19.58 -23.71 4.64
N ASP B 190 -19.36 -23.75 3.34
CA ASP B 190 -19.69 -24.96 2.59
C ASP B 190 -18.48 -25.86 2.46
N LEU B 191 -18.26 -26.68 3.47
CA LEU B 191 -17.13 -27.60 3.48
C LEU B 191 -17.23 -28.60 2.31
N GLU B 192 -18.44 -29.05 2.00
CA GLU B 192 -18.69 -30.01 0.92
C GLU B 192 -18.35 -29.42 -0.43
N ALA B 193 -18.67 -28.14 -0.61
CA ALA B 193 -18.38 -27.45 -1.86
C ALA B 193 -16.86 -27.36 -2.06
N VAL B 194 -16.13 -27.16 -0.97
CA VAL B 194 -14.69 -27.10 -1.03
C VAL B 194 -14.18 -28.46 -1.49
N LYS B 195 -14.67 -29.52 -0.85
CA LYS B 195 -14.25 -30.90 -1.18
C LYS B 195 -14.42 -31.18 -2.66
N ALA B 196 -15.56 -30.79 -3.20
CA ALA B 196 -15.86 -30.97 -4.61
C ALA B 196 -14.79 -30.28 -5.47
N LEU B 197 -14.53 -29.00 -5.21
CA LEU B 197 -13.52 -28.24 -5.97
C LEU B 197 -12.17 -28.95 -6.12
N PHE B 198 -11.74 -29.69 -5.10
CA PHE B 198 -10.48 -30.43 -5.13
C PHE B 198 -10.59 -31.68 -5.98
N ALA B 199 -11.66 -32.43 -5.74
CA ALA B 199 -11.91 -33.65 -6.47
C ALA B 199 -12.17 -33.37 -7.96
N GLU B 200 -12.74 -32.19 -8.25
CA GLU B 200 -13.05 -31.78 -9.61
C GLU B 200 -11.87 -31.10 -10.32
N ASN B 201 -10.91 -30.63 -9.54
CA ASN B 201 -9.70 -29.96 -10.06
C ASN B 201 -8.52 -30.54 -9.29
N PRO B 202 -8.32 -31.87 -9.40
CA PRO B 202 -7.23 -32.51 -8.67
C PRO B 202 -5.83 -32.09 -9.13
N GLY B 203 -4.90 -32.09 -8.18
CA GLY B 203 -3.52 -31.74 -8.46
C GLY B 203 -3.23 -30.35 -9.02
N GLU B 204 -4.17 -29.42 -8.91
CA GLU B 204 -3.97 -28.07 -9.43
C GLU B 204 -4.45 -26.92 -8.55
N ILE B 205 -4.71 -27.20 -7.27
CA ILE B 205 -5.16 -26.19 -6.32
C ILE B 205 -4.00 -25.85 -5.40
N ALA B 206 -3.52 -24.60 -5.51
CA ALA B 206 -2.41 -24.09 -4.67
C ALA B 206 -2.83 -24.01 -3.22
N GLY B 207 -4.08 -23.60 -3.00
CA GLY B 207 -4.59 -23.52 -1.65
C GLY B 207 -5.91 -22.77 -1.51
N VAL B 208 -6.30 -22.58 -0.24
CA VAL B 208 -7.53 -21.89 0.15
C VAL B 208 -7.19 -20.70 1.04
N ILE B 209 -7.82 -19.56 0.78
CA ILE B 209 -7.62 -18.37 1.59
C ILE B 209 -9.00 -17.90 2.01
N LEU B 210 -9.11 -17.43 3.24
CA LEU B 210 -10.40 -16.97 3.75
C LEU B 210 -10.24 -16.11 4.98
N GLU B 211 -11.29 -15.37 5.31
CA GLU B 211 -11.30 -14.58 6.54
C GLU B 211 -11.77 -15.62 7.52
N PRO B 212 -11.00 -15.88 8.59
CA PRO B 212 -11.35 -16.88 9.62
C PRO B 212 -12.69 -16.57 10.31
N ILE B 213 -13.05 -15.29 10.29
CA ILE B 213 -14.32 -14.81 10.81
C ILE B 213 -14.54 -13.69 9.83
N VAL B 214 -15.65 -13.72 9.10
CA VAL B 214 -15.88 -12.67 8.12
C VAL B 214 -16.50 -11.45 8.73
N GLY B 215 -16.01 -10.30 8.29
CA GLY B 215 -16.53 -9.05 8.78
C GLY B 215 -16.85 -8.22 7.57
N ASN B 216 -16.42 -8.70 6.40
CA ASN B 216 -16.64 -8.00 5.14
C ASN B 216 -17.94 -8.31 4.35
N SER B 217 -18.87 -9.04 4.98
CA SER B 217 -20.18 -9.38 4.43
C SER B 217 -21.05 -9.29 5.67
N GLY B 218 -20.67 -8.39 6.56
CA GLY B 218 -21.34 -8.30 7.83
C GLY B 218 -20.53 -9.30 8.64
N PHE B 219 -20.85 -9.43 9.92
CA PHE B 219 -20.15 -10.35 10.81
C PHE B 219 -20.72 -11.79 10.66
N ILE B 220 -19.87 -12.76 10.31
CA ILE B 220 -20.29 -14.16 10.14
C ILE B 220 -19.25 -15.09 10.74
N VAL B 221 -19.66 -15.91 11.70
CA VAL B 221 -18.74 -16.83 12.34
C VAL B 221 -18.77 -18.18 11.62
N PRO B 222 -17.64 -18.93 11.64
CA PRO B 222 -17.66 -20.22 10.96
C PRO B 222 -18.41 -21.26 11.79
N ASP B 223 -19.05 -22.20 11.11
CA ASP B 223 -19.80 -23.26 11.76
C ASP B 223 -18.86 -24.23 12.44
N ALA B 224 -19.43 -24.97 13.38
CA ALA B 224 -18.77 -25.99 14.19
C ALA B 224 -17.36 -26.44 13.78
N GLY B 225 -17.26 -27.33 12.78
CA GLY B 225 -15.96 -27.82 12.36
C GLY B 225 -15.52 -27.36 10.99
N PHE B 226 -15.94 -26.15 10.62
CA PHE B 226 -15.60 -25.61 9.32
C PHE B 226 -14.10 -25.44 9.08
N LEU B 227 -13.45 -24.61 9.90
CA LEU B 227 -12.02 -24.35 9.75
C LEU B 227 -11.20 -25.62 9.92
N GLU B 228 -11.64 -26.48 10.83
CA GLU B 228 -10.96 -27.73 11.09
C GLU B 228 -11.00 -28.62 9.84
N GLY B 229 -12.14 -28.59 9.14
CA GLY B 229 -12.27 -29.38 7.94
C GLY B 229 -11.28 -28.85 6.91
N LEU B 230 -11.28 -27.53 6.74
CA LEU B 230 -10.39 -26.85 5.79
C LEU B 230 -8.92 -27.19 6.01
N ARG B 231 -8.47 -27.21 7.26
CA ARG B 231 -7.09 -27.52 7.54
C ARG B 231 -6.76 -28.92 7.05
N GLU B 232 -7.61 -29.89 7.37
CA GLU B 232 -7.37 -31.26 6.98
C GLU B 232 -7.45 -31.54 5.49
N ILE B 233 -8.48 -31.02 4.84
CA ILE B 233 -8.63 -31.26 3.43
C ILE B 233 -7.42 -30.71 2.69
N THR B 234 -7.06 -29.47 2.98
CA THR B 234 -5.89 -28.88 2.33
C THR B 234 -4.64 -29.67 2.68
N LEU B 235 -4.55 -30.16 3.92
CA LEU B 235 -3.39 -30.95 4.30
C LEU B 235 -3.24 -32.17 3.41
N GLU B 236 -4.34 -32.85 3.11
CA GLU B 236 -4.31 -34.05 2.29
C GLU B 236 -3.96 -33.89 0.82
N HIS B 237 -4.16 -32.69 0.27
CA HIS B 237 -3.83 -32.45 -1.13
C HIS B 237 -2.56 -31.64 -1.22
N ASP B 238 -1.86 -31.52 -0.10
CA ASP B 238 -0.62 -30.74 -0.03
C ASP B 238 -0.85 -29.34 -0.56
N ALA B 239 -1.91 -28.73 -0.05
CA ALA B 239 -2.31 -27.40 -0.43
C ALA B 239 -2.21 -26.51 0.80
N LEU B 240 -1.98 -25.21 0.58
CA LEU B 240 -1.83 -24.27 1.68
C LEU B 240 -3.13 -23.68 2.19
N LEU B 241 -3.24 -23.50 3.50
CA LEU B 241 -4.41 -22.87 4.10
C LEU B 241 -3.91 -21.48 4.50
N VAL B 242 -4.60 -20.45 4.04
CA VAL B 242 -4.17 -19.12 4.36
C VAL B 242 -5.29 -18.35 5.05
N PHE B 243 -4.97 -17.72 6.18
CA PHE B 243 -5.95 -16.92 6.92
C PHE B 243 -5.69 -15.42 6.70
N ASP B 244 -6.68 -14.71 6.17
CA ASP B 244 -6.57 -13.27 5.96
C ASP B 244 -7.11 -12.71 7.27
N GLU B 245 -6.20 -12.33 8.17
CA GLU B 245 -6.62 -11.78 9.44
C GLU B 245 -6.31 -10.32 9.55
N VAL B 246 -6.42 -9.61 8.43
CA VAL B 246 -6.20 -8.16 8.40
C VAL B 246 -7.19 -7.53 9.35
N MET B 247 -8.41 -8.07 9.37
CA MET B 247 -9.43 -7.54 10.26
C MET B 247 -9.47 -8.24 11.60
N THR B 248 -9.39 -9.57 11.61
CA THR B 248 -9.46 -10.32 12.85
C THR B 248 -8.19 -10.28 13.72
N GLY B 249 -7.03 -10.11 13.09
CA GLY B 249 -5.77 -10.10 13.82
C GLY B 249 -5.67 -9.06 14.89
N PHE B 250 -5.27 -9.47 16.08
CA PHE B 250 -5.13 -8.60 17.25
C PHE B 250 -6.46 -8.09 17.80
N ARG B 251 -7.58 -8.52 17.23
CA ARG B 251 -8.91 -8.09 17.71
C ARG B 251 -9.74 -9.21 18.32
N ILE B 252 -9.88 -10.32 17.61
CA ILE B 252 -10.63 -11.46 18.13
C ILE B 252 -9.81 -11.97 19.30
N ALA B 253 -8.50 -11.86 19.15
CA ALA B 253 -7.55 -12.29 20.17
C ALA B 253 -6.17 -11.76 19.77
N TYR B 254 -5.20 -11.85 20.67
CA TYR B 254 -3.84 -11.38 20.41
C TYR B 254 -3.25 -12.13 19.22
N GLY B 255 -3.53 -13.43 19.14
CA GLY B 255 -3.06 -14.25 18.05
C GLY B 255 -4.18 -14.48 17.06
N GLY B 256 -5.19 -13.61 17.10
CA GLY B 256 -6.33 -13.68 16.20
C GLY B 256 -7.20 -14.93 16.34
N VAL B 257 -7.95 -15.21 15.30
CA VAL B 257 -8.81 -16.39 15.27
C VAL B 257 -8.02 -17.70 15.39
N GLN B 258 -6.87 -17.82 14.74
CA GLN B 258 -6.10 -19.07 14.82
C GLN B 258 -5.76 -19.43 16.25
N GLU B 259 -5.52 -18.42 17.08
CA GLU B 259 -5.20 -18.67 18.47
C GLU B 259 -6.52 -18.97 19.19
N LYS B 260 -7.52 -18.15 18.91
CA LYS B 260 -8.84 -18.27 19.52
C LYS B 260 -9.49 -19.63 19.32
N PHE B 261 -9.44 -20.14 18.08
CA PHE B 261 -10.06 -21.40 17.75
C PHE B 261 -9.11 -22.57 17.58
N GLY B 262 -7.82 -22.33 17.76
CA GLY B 262 -6.84 -23.39 17.67
C GLY B 262 -6.58 -24.03 16.32
N VAL B 263 -6.88 -23.34 15.23
CA VAL B 263 -6.61 -23.89 13.92
C VAL B 263 -5.48 -23.04 13.34
N THR B 264 -4.43 -23.71 12.86
CA THR B 264 -3.23 -23.04 12.33
C THR B 264 -3.03 -23.07 10.80
N PRO B 265 -3.09 -21.89 10.13
CA PRO B 265 -2.90 -21.84 8.69
C PRO B 265 -1.41 -21.95 8.36
N ASP B 266 -1.08 -22.05 7.09
CA ASP B 266 0.33 -22.14 6.72
C ASP B 266 0.90 -20.71 6.58
N LEU B 267 0.01 -19.75 6.35
CA LEU B 267 0.36 -18.33 6.20
C LEU B 267 -0.82 -17.50 6.66
N THR B 268 -0.57 -16.24 6.98
CA THR B 268 -1.64 -15.34 7.37
C THR B 268 -1.25 -13.95 6.87
N THR B 269 -2.24 -13.06 6.73
CA THR B 269 -1.94 -11.72 6.31
C THR B 269 -2.50 -10.88 7.44
N LEU B 270 -1.83 -9.76 7.73
CA LEU B 270 -2.25 -8.87 8.81
C LEU B 270 -2.32 -7.45 8.27
N GLY B 271 -2.84 -6.54 9.08
CA GLY B 271 -2.97 -5.17 8.66
C GLY B 271 -3.69 -4.45 9.75
N LYS B 272 -4.30 -3.38 9.32
CA LYS B 272 -5.16 -2.55 10.15
C LYS B 272 -4.49 -2.25 11.50
N ILE B 273 -4.73 -3.02 12.53
CA ILE B 273 -4.31 -2.76 13.90
C ILE B 273 -2.77 -2.73 14.06
N ILE B 274 -2.08 -3.53 13.25
CA ILE B 274 -0.63 -3.65 13.33
C ILE B 274 0.13 -2.37 13.02
N GLY B 275 -0.53 -1.42 12.39
CA GLY B 275 0.10 -0.15 12.10
C GLY B 275 -0.45 0.91 13.05
N GLY B 276 -1.39 0.50 13.90
CA GLY B 276 -2.00 1.38 14.87
C GLY B 276 -2.54 2.72 14.41
N GLY B 277 -2.99 2.87 13.17
CA GLY B 277 -3.52 4.15 12.72
C GLY B 277 -2.73 4.66 11.53
N LEU B 278 -1.65 3.93 11.23
CA LEU B 278 -0.75 4.24 10.13
C LEU B 278 -0.82 3.12 9.06
N PRO B 279 -0.50 3.45 7.80
CA PRO B 279 -0.50 2.52 6.67
C PRO B 279 0.57 1.44 6.83
N VAL B 280 0.14 0.25 7.24
CA VAL B 280 1.05 -0.87 7.46
C VAL B 280 0.33 -2.20 7.23
N GLY B 281 1.08 -3.18 6.74
CA GLY B 281 0.53 -4.50 6.51
C GLY B 281 1.64 -5.49 6.73
N ALA B 282 1.38 -6.79 6.63
CA ALA B 282 2.40 -7.80 6.84
C ALA B 282 1.87 -9.14 6.40
N TYR B 283 2.76 -10.03 6.05
CA TYR B 283 2.37 -11.38 5.71
C TYR B 283 3.53 -12.29 6.16
N GLY B 284 3.17 -13.41 6.77
CA GLY B 284 4.16 -14.35 7.25
C GLY B 284 3.56 -15.72 7.38
N GLY B 285 4.36 -16.66 7.86
CA GLY B 285 3.91 -18.02 8.02
C GLY B 285 5.12 -18.91 8.19
N LYS B 286 5.01 -20.14 7.71
CA LYS B 286 6.09 -21.10 7.82
C LYS B 286 7.36 -20.60 7.17
N ARG B 287 8.48 -20.82 7.86
CA ARG B 287 9.79 -20.42 7.44
C ARG B 287 10.13 -20.92 6.03
N GLU B 288 9.97 -22.21 5.80
CA GLU B 288 10.28 -22.80 4.50
C GLU B 288 9.58 -22.16 3.31
N ILE B 289 8.45 -21.51 3.57
CA ILE B 289 7.69 -20.85 2.53
C ILE B 289 8.15 -19.41 2.40
N MET B 290 8.38 -18.74 3.53
CA MET B 290 8.81 -17.35 3.49
C MET B 290 10.18 -17.20 2.86
N GLN B 291 10.93 -18.29 2.89
CA GLN B 291 12.27 -18.33 2.34
C GLN B 291 12.31 -18.07 0.84
N LEU B 292 11.16 -18.06 0.16
CA LEU B 292 11.12 -17.81 -1.29
C LEU B 292 10.99 -16.33 -1.61
N VAL B 293 10.79 -15.52 -0.58
CA VAL B 293 10.62 -14.08 -0.76
C VAL B 293 11.95 -13.35 -0.88
N ALA B 294 12.07 -12.56 -1.96
CA ALA B 294 13.27 -11.75 -2.23
C ALA B 294 13.53 -10.88 -1.02
N PRO B 295 14.82 -10.62 -0.71
CA PRO B 295 16.00 -11.13 -1.41
C PRO B 295 16.46 -12.56 -1.10
N ALA B 296 15.81 -13.22 -0.14
CA ALA B 296 16.19 -14.57 0.24
C ALA B 296 15.76 -15.58 -0.81
N GLY B 297 14.89 -15.17 -1.73
CA GLY B 297 14.39 -16.06 -2.75
C GLY B 297 14.07 -15.41 -4.09
N PRO B 298 13.54 -16.18 -5.06
CA PRO B 298 13.19 -15.72 -6.41
C PRO B 298 11.91 -14.95 -6.56
N MET B 299 10.98 -15.11 -5.63
CA MET B 299 9.71 -14.40 -5.75
C MET B 299 9.87 -12.93 -5.38
N TYR B 300 9.47 -12.03 -6.28
CA TYR B 300 9.62 -10.61 -6.04
C TYR B 300 8.48 -9.91 -5.33
N GLN B 301 8.84 -9.02 -4.40
CA GLN B 301 7.89 -8.23 -3.63
C GLN B 301 8.74 -7.17 -2.95
N ALA B 302 8.44 -5.89 -3.23
CA ALA B 302 9.17 -4.77 -2.64
C ALA B 302 8.20 -3.70 -2.16
N GLY B 303 8.72 -2.59 -1.64
CA GLY B 303 7.87 -1.52 -1.15
C GLY B 303 8.72 -0.42 -0.54
N THR B 304 8.65 0.79 -1.09
CA THR B 304 9.45 1.93 -0.64
C THR B 304 9.32 2.33 0.82
N LEU B 305 8.11 2.39 1.31
CA LEU B 305 7.91 2.77 2.69
C LEU B 305 7.82 1.62 3.65
N SER B 306 7.99 0.42 3.19
CA SER B 306 7.87 -0.74 4.05
C SER B 306 8.87 -0.71 5.20
N GLY B 307 8.38 -1.03 6.40
CA GLY B 307 9.22 -1.07 7.58
C GLY B 307 9.72 0.27 8.08
N ASN B 308 9.10 1.36 7.66
CA ASN B 308 9.51 2.68 8.09
C ASN B 308 9.33 2.84 9.59
N PRO B 309 10.25 3.54 10.26
CA PRO B 309 10.21 3.77 11.69
C PRO B 309 8.93 4.30 12.30
N LEU B 310 8.23 5.20 11.61
CA LEU B 310 6.98 5.77 12.15
C LEU B 310 5.93 4.69 12.25
N ALA B 311 5.87 3.85 11.23
CA ALA B 311 4.94 2.74 11.20
C ALA B 311 5.30 1.73 12.27
N MET B 312 6.57 1.35 12.37
CA MET B 312 7.01 0.36 13.36
C MET B 312 6.76 0.82 14.79
N THR B 313 6.94 2.11 15.04
CA THR B 313 6.71 2.72 16.34
C THR B 313 5.25 2.54 16.77
N ALA B 314 4.32 3.00 15.92
CA ALA B 314 2.87 2.90 16.19
C ALA B 314 2.44 1.44 16.39
N GLY B 315 3.04 0.54 15.62
CA GLY B 315 2.73 -0.88 15.72
C GLY B 315 3.20 -1.46 17.01
N ILE B 316 4.44 -1.16 17.36
CA ILE B 316 5.02 -1.64 18.60
C ILE B 316 4.19 -1.14 19.78
N LYS B 317 3.93 0.16 19.79
CA LYS B 317 3.18 0.75 20.88
C LYS B 317 1.75 0.21 20.99
N THR B 318 1.11 -0.09 19.87
CA THR B 318 -0.25 -0.63 19.88
C THR B 318 -0.25 -2.05 20.47
N LEU B 319 0.77 -2.83 20.14
CA LEU B 319 0.86 -4.18 20.67
C LEU B 319 1.19 -4.21 22.14
N GLU B 320 2.01 -3.27 22.61
CA GLU B 320 2.34 -3.22 24.03
C GLU B 320 1.07 -2.97 24.85
N LEU B 321 0.25 -2.08 24.34
CA LEU B 321 -1.00 -1.70 24.97
C LEU B 321 -2.03 -2.82 25.00
N LEU B 322 -1.97 -3.75 24.05
CA LEU B 322 -2.92 -4.85 24.00
C LEU B 322 -2.48 -6.02 24.87
N ARG B 323 -1.17 -6.12 25.08
CA ARG B 323 -0.61 -7.18 25.89
C ARG B 323 -0.88 -6.96 27.38
N GLN B 324 -1.38 -5.78 27.74
CA GLN B 324 -1.67 -5.50 29.14
C GLN B 324 -2.81 -6.40 29.65
N PRO B 325 -2.95 -6.54 30.99
CA PRO B 325 -4.01 -7.40 31.54
C PRO B 325 -5.48 -7.06 31.28
N GLY B 326 -6.27 -8.10 31.00
CA GLY B 326 -7.69 -7.95 30.76
C GLY B 326 -8.14 -7.05 29.63
N THR B 327 -7.43 -7.13 28.50
CA THR B 327 -7.75 -6.32 27.35
C THR B 327 -8.93 -6.86 26.55
N TYR B 328 -8.76 -8.07 26.05
CA TYR B 328 -9.79 -8.73 25.29
C TYR B 328 -10.97 -9.12 26.18
N GLU B 329 -10.72 -9.26 27.47
CA GLU B 329 -11.78 -9.59 28.40
C GLU B 329 -12.70 -8.38 28.52
N TYR B 330 -12.12 -7.19 28.52
CA TYR B 330 -12.92 -5.98 28.60
C TYR B 330 -13.71 -5.82 27.31
N LEU B 331 -13.06 -6.12 26.19
CA LEU B 331 -13.68 -6.01 24.88
C LEU B 331 -14.89 -6.92 24.77
N ASP B 332 -14.71 -8.18 25.17
CA ASP B 332 -15.79 -9.13 25.10
C ASP B 332 -16.97 -8.70 25.95
N GLN B 333 -16.70 -8.22 27.15
CA GLN B 333 -17.75 -7.79 28.05
C GLN B 333 -18.60 -6.63 27.54
N ILE B 334 -17.98 -5.52 27.16
CA ILE B 334 -18.80 -4.41 26.68
C ILE B 334 -19.48 -4.74 25.36
N THR B 335 -18.82 -5.49 24.50
CA THR B 335 -19.43 -5.83 23.21
C THR B 335 -20.65 -6.77 23.29
N LYS B 336 -20.58 -7.75 24.19
CA LYS B 336 -21.68 -8.68 24.40
C LYS B 336 -22.90 -7.90 24.91
N ARG B 337 -22.64 -6.93 25.78
CA ARG B 337 -23.70 -6.13 26.34
C ARG B 337 -24.34 -5.34 25.22
N LEU B 338 -23.52 -4.71 24.39
CA LEU B 338 -24.00 -3.91 23.27
C LEU B 338 -24.74 -4.80 22.27
N SER B 339 -24.19 -5.97 22.00
CA SER B 339 -24.79 -6.90 21.07
C SER B 339 -26.15 -7.39 21.58
N ASP B 340 -26.15 -8.04 22.74
CA ASP B 340 -27.36 -8.56 23.35
C ASP B 340 -28.43 -7.49 23.52
N GLY B 341 -28.00 -6.28 23.84
CA GLY B 341 -28.92 -5.17 24.04
C GLY B 341 -29.59 -4.68 22.77
N LEU B 342 -28.83 -4.68 21.66
CA LEU B 342 -29.35 -4.26 20.36
C LEU B 342 -30.45 -5.24 19.92
N LEU B 343 -30.13 -6.53 19.98
CA LEU B 343 -31.07 -7.58 19.61
C LEU B 343 -32.35 -7.52 20.45
N ALA B 344 -32.21 -7.39 21.77
CA ALA B 344 -33.37 -7.28 22.65
C ALA B 344 -34.25 -6.12 22.23
N ILE B 345 -33.66 -4.96 21.98
CA ILE B 345 -34.44 -3.80 21.57
C ILE B 345 -35.17 -4.07 20.26
N ALA B 346 -34.55 -4.80 19.34
CA ALA B 346 -35.19 -5.10 18.06
C ALA B 346 -36.38 -6.04 18.28
N GLN B 347 -36.22 -6.98 19.21
CA GLN B 347 -37.28 -7.94 19.51
C GLN B 347 -38.46 -7.29 20.18
N GLU B 348 -38.20 -6.34 21.08
CA GLU B 348 -39.30 -5.65 21.78
C GLU B 348 -40.03 -4.59 20.93
N THR B 349 -39.42 -4.16 19.83
CA THR B 349 -40.06 -3.17 18.96
C THR B 349 -40.70 -3.80 17.75
N GLY B 350 -40.59 -5.12 17.64
CA GLY B 350 -41.18 -5.86 16.53
C GLY B 350 -40.34 -6.02 15.27
N HIS B 351 -39.05 -5.77 15.39
CA HIS B 351 -38.17 -5.88 14.23
C HIS B 351 -37.37 -7.18 14.26
N ALA B 352 -37.35 -7.87 13.12
CA ALA B 352 -36.62 -9.12 12.95
C ALA B 352 -35.15 -8.74 12.88
N ALA B 353 -34.32 -9.48 13.61
CA ALA B 353 -32.91 -9.17 13.64
C ALA B 353 -32.12 -10.29 14.25
N CYS B 354 -30.89 -10.45 13.76
CA CYS B 354 -29.96 -11.44 14.29
C CYS B 354 -28.58 -10.78 14.33
N GLY B 355 -27.69 -11.32 15.15
CA GLY B 355 -26.37 -10.74 15.26
C GLY B 355 -25.46 -11.58 16.13
N GLY B 356 -24.44 -10.95 16.67
CA GLY B 356 -23.50 -11.66 17.51
C GLY B 356 -22.19 -10.92 17.63
N GLN B 357 -21.33 -11.37 18.53
CA GLN B 357 -20.05 -10.72 18.72
C GLN B 357 -19.06 -11.73 19.25
N VAL B 358 -17.80 -11.53 18.88
CA VAL B 358 -16.69 -12.35 19.34
C VAL B 358 -15.68 -11.27 19.68
N SER B 359 -15.53 -11.03 20.96
CA SER B 359 -14.63 -10.01 21.47
C SER B 359 -15.16 -8.66 21.04
N GLY B 360 -14.30 -7.80 20.48
CA GLY B 360 -14.72 -6.47 20.06
C GLY B 360 -15.11 -6.31 18.60
N MET B 361 -15.76 -7.33 18.06
CA MET B 361 -16.22 -7.33 16.68
C MET B 361 -17.66 -7.85 16.75
N PHE B 362 -18.60 -7.07 16.22
CA PHE B 362 -20.00 -7.50 16.26
C PHE B 362 -20.75 -7.39 14.94
N GLY B 363 -21.90 -8.04 14.88
CA GLY B 363 -22.73 -7.99 13.69
C GLY B 363 -24.17 -7.83 14.11
N PHE B 364 -24.95 -7.17 13.26
CA PHE B 364 -26.35 -6.96 13.51
C PHE B 364 -27.06 -6.81 12.17
N PHE B 365 -27.87 -7.81 11.81
CA PHE B 365 -28.61 -7.83 10.56
C PHE B 365 -30.10 -7.65 10.80
N PHE B 366 -30.79 -7.02 9.86
CA PHE B 366 -32.24 -6.83 9.95
C PHE B 366 -32.95 -7.97 9.22
N THR B 367 -32.78 -9.17 9.79
CA THR B 367 -33.38 -10.40 9.27
C THR B 367 -33.28 -11.39 10.43
N GLU B 368 -34.22 -12.34 10.49
CA GLU B 368 -34.22 -13.34 11.56
C GLU B 368 -33.12 -14.36 11.35
N GLY B 369 -32.66 -14.48 10.11
CA GLY B 369 -31.60 -15.42 9.78
C GLY B 369 -31.94 -16.84 10.16
N PRO B 370 -30.96 -17.60 10.67
CA PRO B 370 -29.57 -17.19 10.94
C PRO B 370 -28.76 -16.91 9.66
N VAL B 371 -27.65 -16.20 9.83
CA VAL B 371 -26.78 -15.92 8.69
C VAL B 371 -25.55 -16.86 8.76
N HIS B 372 -25.32 -17.61 7.69
CA HIS B 372 -24.21 -18.57 7.58
C HIS B 372 -23.31 -18.26 6.39
N ASN B 373 -23.83 -17.45 5.49
CA ASN B 373 -23.11 -17.07 4.30
C ASN B 373 -23.67 -15.80 3.68
N TYR B 374 -23.03 -15.38 2.60
CA TYR B 374 -23.42 -14.16 1.93
C TYR B 374 -24.88 -14.11 1.52
N GLU B 375 -25.38 -15.20 0.93
CA GLU B 375 -26.78 -15.31 0.49
C GLU B 375 -27.74 -14.90 1.61
N ASP B 376 -27.50 -15.48 2.80
CA ASP B 376 -28.31 -15.19 3.99
C ASP B 376 -28.20 -13.73 4.35
N ALA B 377 -26.98 -13.22 4.33
CA ALA B 377 -26.73 -11.84 4.68
C ALA B 377 -27.60 -10.95 3.80
N LYS B 378 -27.73 -11.34 2.52
CA LYS B 378 -28.49 -10.59 1.52
C LYS B 378 -29.99 -10.54 1.70
N LYS B 379 -30.53 -11.40 2.55
CA LYS B 379 -31.97 -11.40 2.82
C LYS B 379 -32.33 -10.28 3.83
N SER B 380 -31.38 -9.40 4.12
CA SER B 380 -31.62 -8.30 5.05
C SER B 380 -32.43 -7.19 4.40
N ASP B 381 -33.27 -6.54 5.20
CA ASP B 381 -34.07 -5.44 4.72
C ASP B 381 -33.15 -4.22 4.80
N LEU B 382 -32.52 -3.91 3.67
CA LEU B 382 -31.59 -2.80 3.62
C LEU B 382 -32.24 -1.41 3.62
N GLN B 383 -33.56 -1.36 3.47
CA GLN B 383 -34.25 -0.07 3.49
C GLN B 383 -34.46 0.32 4.95
N LYS B 384 -34.75 -0.67 5.78
CA LYS B 384 -34.95 -0.41 7.19
C LYS B 384 -33.60 -0.02 7.78
N PHE B 385 -32.56 -0.76 7.42
CA PHE B 385 -31.21 -0.50 7.88
C PHE B 385 -30.79 0.92 7.53
N SER B 386 -31.17 1.35 6.35
CA SER B 386 -30.84 2.68 5.88
C SER B 386 -31.46 3.76 6.77
N ARG B 387 -32.70 3.54 7.21
CA ARG B 387 -33.38 4.51 8.06
C ARG B 387 -32.82 4.37 9.48
N PHE B 388 -32.52 3.14 9.87
CA PHE B 388 -31.95 2.84 11.18
C PHE B 388 -30.63 3.59 11.32
N HIS B 389 -29.79 3.46 10.31
CA HIS B 389 -28.50 4.10 10.31
C HIS B 389 -28.65 5.62 10.45
N ARG B 390 -29.54 6.22 9.67
CA ARG B 390 -29.73 7.66 9.74
C ARG B 390 -30.31 8.16 11.07
N GLY B 391 -31.11 7.33 11.70
CA GLY B 391 -31.68 7.74 12.98
C GLY B 391 -30.59 7.74 14.00
N MET B 392 -29.82 6.67 14.01
CA MET B 392 -28.70 6.51 14.91
C MET B 392 -27.71 7.68 14.71
N LEU B 393 -27.48 8.02 13.45
CA LEU B 393 -26.57 9.10 13.13
C LEU B 393 -27.00 10.40 13.76
N GLU B 394 -28.29 10.70 13.69
CA GLU B 394 -28.82 11.93 14.27
C GLU B 394 -28.90 11.88 15.79
N GLN B 395 -28.90 10.67 16.32
CA GLN B 395 -28.94 10.44 17.76
C GLN B 395 -27.50 10.53 18.31
N GLY B 396 -26.54 10.83 17.42
CA GLY B 396 -25.16 10.97 17.82
C GLY B 396 -24.35 9.68 17.91
N ILE B 397 -24.73 8.67 17.12
CA ILE B 397 -24.04 7.39 17.09
C ILE B 397 -23.59 7.18 15.65
N TYR B 398 -22.28 6.96 15.45
CA TYR B 398 -21.73 6.75 14.11
C TYR B 398 -21.54 5.25 13.89
N LEU B 399 -22.27 4.68 12.95
CA LEU B 399 -22.15 3.26 12.64
C LEU B 399 -21.67 3.13 11.20
N ALA B 400 -21.08 1.98 10.89
CA ALA B 400 -20.60 1.71 9.53
C ALA B 400 -21.77 1.94 8.58
N PRO B 401 -21.57 2.78 7.54
CA PRO B 401 -22.69 3.02 6.62
C PRO B 401 -23.06 1.87 5.69
N SER B 402 -23.22 0.67 6.22
CA SER B 402 -23.58 -0.50 5.42
C SER B 402 -23.90 -1.76 6.22
N GLN B 403 -24.96 -2.44 5.78
CA GLN B 403 -25.41 -3.68 6.41
C GLN B 403 -24.35 -4.77 6.34
N PHE B 404 -23.52 -4.73 5.31
CA PHE B 404 -22.52 -5.79 5.16
C PHE B 404 -21.12 -5.47 5.69
N GLU B 405 -21.08 -4.82 6.84
CA GLU B 405 -19.81 -4.49 7.47
C GLU B 405 -19.96 -4.77 8.95
N ALA B 406 -18.92 -5.33 9.57
CA ALA B 406 -18.96 -5.60 11.00
C ALA B 406 -18.80 -4.27 11.73
N GLY B 407 -19.17 -4.24 13.00
CA GLY B 407 -19.04 -3.03 13.78
C GLY B 407 -17.86 -3.25 14.71
N PHE B 408 -17.28 -2.19 15.26
CA PHE B 408 -16.12 -2.34 16.13
C PHE B 408 -16.19 -1.62 17.45
N THR B 409 -15.61 -2.27 18.46
CA THR B 409 -15.54 -1.76 19.83
C THR B 409 -14.07 -1.47 20.18
N SER B 410 -13.83 -0.50 21.07
CA SER B 410 -12.45 -0.18 21.44
C SER B 410 -12.27 -0.18 22.93
N LEU B 411 -11.02 -0.17 23.38
CA LEU B 411 -10.70 -0.12 24.80
C LEU B 411 -11.10 1.24 25.41
N ALA B 412 -11.47 2.23 24.62
CA ALA B 412 -11.87 3.53 25.19
C ALA B 412 -13.40 3.67 25.37
N HIS B 413 -14.16 2.74 24.81
CA HIS B 413 -15.61 2.75 24.95
C HIS B 413 -15.88 2.38 26.40
N THR B 414 -16.74 3.15 27.07
CA THR B 414 -17.07 2.87 28.45
C THR B 414 -18.45 2.25 28.56
N GLU B 415 -18.72 1.66 29.72
CA GLU B 415 -20.00 1.02 30.01
C GLU B 415 -21.10 2.01 29.69
N GLU B 416 -20.86 3.26 30.08
CA GLU B 416 -21.80 4.35 29.86
C GLU B 416 -22.04 4.60 28.37
N ASP B 417 -20.96 4.56 27.58
CA ASP B 417 -21.08 4.77 26.15
C ASP B 417 -22.01 3.71 25.60
N ILE B 418 -21.88 2.49 26.13
CA ILE B 418 -22.71 1.39 25.69
C ILE B 418 -24.17 1.63 26.04
N ASP B 419 -24.43 2.15 27.25
CA ASP B 419 -25.79 2.44 27.69
C ASP B 419 -26.41 3.56 26.87
N ALA B 420 -25.58 4.48 26.40
CA ALA B 420 -26.07 5.60 25.60
C ALA B 420 -26.44 5.18 24.18
N THR B 421 -25.73 4.21 23.62
CA THR B 421 -26.00 3.72 22.28
C THR B 421 -27.33 2.98 22.30
N LEU B 422 -27.47 2.08 23.28
CA LEU B 422 -28.69 1.30 23.47
C LEU B 422 -29.91 2.22 23.62
N ALA B 423 -29.76 3.35 24.31
CA ALA B 423 -30.86 4.28 24.47
C ALA B 423 -31.22 4.88 23.11
N ALA B 424 -30.19 5.23 22.33
CA ALA B 424 -30.34 5.79 20.99
C ALA B 424 -31.08 4.78 20.16
N ALA B 425 -30.61 3.54 20.22
CA ALA B 425 -31.19 2.44 19.48
C ALA B 425 -32.66 2.21 19.78
N ARG B 426 -33.05 2.42 21.03
CA ARG B 426 -34.43 2.24 21.42
C ARG B 426 -35.30 3.35 20.81
N THR B 427 -34.87 4.60 20.96
CA THR B 427 -35.63 5.71 20.41
C THR B 427 -35.79 5.56 18.93
N VAL B 428 -34.73 5.13 18.27
CA VAL B 428 -34.74 4.95 16.84
C VAL B 428 -35.53 3.73 16.37
N MET B 429 -35.27 2.55 16.92
CA MET B 429 -36.01 1.37 16.47
C MET B 429 -37.51 1.53 16.70
N SER B 430 -37.89 2.54 17.47
CA SER B 430 -39.30 2.83 17.74
C SER B 430 -39.80 3.80 16.64
N ALA B 431 -39.54 3.38 15.42
CA ALA B 431 -39.90 4.05 14.17
C ALA B 431 -39.68 2.89 13.22
N LEU B 432 -39.30 3.16 11.97
CA LEU B 432 -39.06 2.08 11.01
C LEU B 432 -40.36 1.27 10.83
N1 PMP C . 6.75 2.89 -9.96
C2 PMP C . 8.06 3.28 -10.01
C2A PMP C . 8.57 3.99 -11.27
C3 PMP C . 8.88 3.06 -8.93
O3 PMP C . 10.15 3.65 -8.88
C4 PMP C . 8.38 2.37 -7.85
C4A PMP C . 9.21 2.14 -6.60
N4A PMP C . 10.58 2.21 -6.57
C5 PMP C . 7.08 1.92 -7.87
C6 PMP C . 6.27 2.20 -8.91
C5A PMP C . 6.53 1.18 -6.70
O4P PMP C . 6.16 2.15 -5.69
P PMP C . 6.21 1.86 -4.14
O1P PMP C . 5.65 3.05 -3.43
O2P PMP C . 5.38 0.57 -3.79
O3P PMP C . 7.51 1.26 -3.83
N1 PLP D . -8.56 -8.43 3.78
C2 PLP D . -9.43 -8.25 4.85
C2A PLP D . -10.20 -9.39 5.41
C3 PLP D . -9.65 -7.01 5.35
O3 PLP D . -10.39 -6.87 6.49
C4 PLP D . -9.02 -5.91 4.81
C4A PLP D . -9.21 -4.56 5.48
C5 PLP D . -8.17 -6.04 3.71
C6 PLP D . -7.96 -7.31 3.20
C5A PLP D . -7.66 -4.79 2.95
O4P PLP D . -6.59 -4.03 3.56
P PLP D . -6.28 -2.47 3.29
O1P PLP D . -5.34 -2.02 4.30
O2P PLP D . -5.55 -2.58 1.88
O3P PLP D . -7.47 -1.67 3.09
#